data_4PKI
#
_entry.id   4PKI
#
_cell.length_a   69.393
_cell.length_b   81.211
_cell.length_c   170.708
_cell.angle_alpha   90.00
_cell.angle_beta   90.00
_cell.angle_gamma   90.00
#
_symmetry.space_group_name_H-M   'P 21 21 21'
#
loop_
_entity.id
_entity.type
_entity.pdbx_description
1 polymer 'Actin, alpha skeletal muscle'
2 polymer 'Gelsolin,Tropomodulin-1 chimera'
3 non-polymer "ADENOSINE-5'-TRIPHOSPHATE"
4 non-polymer 'CALCIUM ION'
5 water water
#
loop_
_entity_poly.entity_id
_entity_poly.type
_entity_poly.pdbx_seq_one_letter_code
_entity_poly.pdbx_strand_id
1 'polypeptide(L)'
;MCDEDETTALVCDNGSGLVKAGFAGDDAPRAVFPSIVGRPRHQGVMVGMGQKDSYVGDEAQSKRGILTLKYPIE(HIC)G
IITNWDDMEKIWHHTFYNELRVAPEEHPTLLTEAPLNPKANREKMTQIMFETFNVPAMYVAIQAVLSLYASGRTTGIVLD
SGDGVTHNVPIYEGYALPHAIMRLDLAGRDLTDYLMKILTERGYSFVTTAEREIVRDIKEKLCYVALDFENEMATAASSS
SLEKSYELPDGQVITIGNERFRCPETLFQPSFIGMESAGIHETTYNSIMKCDIDIRKDLYANNVMSGGTTMYPGIADRMQ
KEITALAPSTMKIKIIAPPERKYSVWIGGSILASLSTFQQMWITKQEYDEAGPSIVHRKCF
;
A
2 'polypeptide(L)'
;MVVEHPEFLKAGKEPGLQIWRVEKFDLVPVPTNLYGDFFTGDAYVILKTVQLRNGNLQYDLHYWLGNECSQDESGAAAIF
TVQLDDYLNGRAVQHREVQGFESATFLGYFKSGLKYKKGGVASGFGGSGGSGGSGLNSVIKPTQYKPVPDEEPNSTDVEE
TLERIKNNDPKLEEVNLNNIRNIPIPTLKAYAEALKENSYVKKFSIVGTRSNDPVAYALAEMLKENKVLKTLNVESNFIS
GAGILRLVEALPYNTSLVEMKIDNQSQPLGNKVEMEIVSMLEKNATLLKFGYHFTQQGPRLRASNAMMNNNDLVRKRRLA
DLTG
;
G
#
loop_
_chem_comp.id
_chem_comp.type
_chem_comp.name
_chem_comp.formula
ATP non-polymer ADENOSINE-5'-TRIPHOSPHATE 'C10 H16 N5 O13 P3'
CA non-polymer 'CALCIUM ION' 'Ca 2'
#
# COMPACT_ATOMS: atom_id res chain seq x y z
N THR A 7 -9.42 22.65 -3.69
CA THR A 7 -9.52 21.22 -3.96
C THR A 7 -8.69 20.38 -2.99
N THR A 8 -9.10 19.13 -2.80
CA THR A 8 -8.52 18.33 -1.73
C THR A 8 -7.81 17.06 -2.20
N ALA A 9 -6.65 16.82 -1.59
CA ALA A 9 -5.78 15.70 -1.95
C ALA A 9 -6.26 14.41 -1.34
N LEU A 10 -6.01 13.29 -2.03
CA LEU A 10 -6.31 11.98 -1.46
C LEU A 10 -5.07 11.26 -0.91
N VAL A 11 -5.27 10.43 0.12
CA VAL A 11 -4.20 9.57 0.61
CA VAL A 11 -4.21 9.57 0.62
C VAL A 11 -4.65 8.12 0.60
N CYS A 12 -3.95 7.29 -0.14
CA CYS A 12 -4.26 5.87 -0.19
CA CYS A 12 -4.26 5.87 -0.19
C CYS A 12 -3.08 5.04 0.31
N ASP A 13 -3.28 4.25 1.36
CA ASP A 13 -2.19 3.43 1.90
C ASP A 13 -2.55 1.97 1.61
N ASN A 14 -1.90 1.41 0.61
CA ASN A 14 -2.29 0.09 0.15
C ASN A 14 -1.45 -1.00 0.73
N GLY A 15 -2.05 -1.90 1.49
CA GLY A 15 -1.29 -2.99 2.09
C GLY A 15 -1.70 -4.38 1.65
N SER A 16 -0.96 -5.38 2.13
CA SER A 16 -1.20 -6.76 1.75
C SER A 16 -2.61 -7.21 2.08
N GLY A 17 -3.16 -6.69 3.17
CA GLY A 17 -4.44 -7.21 3.64
C GLY A 17 -5.53 -6.15 3.59
N LEU A 18 -5.13 -4.91 3.88
CA LEU A 18 -6.07 -3.82 4.02
C LEU A 18 -5.68 -2.60 3.20
N VAL A 19 -6.68 -1.98 2.57
CA VAL A 19 -6.56 -0.64 1.99
C VAL A 19 -6.97 0.38 3.04
N LYS A 20 -6.14 1.42 3.23
CA LYS A 20 -6.50 2.53 4.10
C LYS A 20 -6.51 3.76 3.22
N ALA A 21 -7.66 4.43 3.12
CA ALA A 21 -7.79 5.55 2.16
C ALA A 21 -8.62 6.67 2.73
N GLY A 22 -8.34 7.89 2.30
CA GLY A 22 -9.15 9.01 2.77
C GLY A 22 -8.63 10.30 2.18
N PHE A 23 -8.90 11.39 2.90
CA PHE A 23 -8.56 12.74 2.46
C PHE A 23 -7.43 13.36 3.28
N ALA A 24 -6.51 14.01 2.59
CA ALA A 24 -5.43 14.73 3.24
C ALA A 24 -6.02 15.80 4.13
N GLY A 25 -5.53 15.86 5.37
CA GLY A 25 -5.99 16.86 6.31
C GLY A 25 -6.88 16.23 7.34
N ASP A 26 -7.36 15.02 7.09
CA ASP A 26 -8.11 14.24 8.08
C ASP A 26 -7.12 13.54 9.01
N ASP A 27 -7.54 13.27 10.24
CA ASP A 27 -6.69 12.64 11.24
C ASP A 27 -6.81 11.13 11.18
N ALA A 28 -7.67 10.62 10.29
CA ALA A 28 -7.83 9.19 10.19
C ALA A 28 -8.44 8.82 8.85
N PRO A 29 -8.19 7.57 8.37
CA PRO A 29 -8.70 7.17 7.06
C PRO A 29 -10.20 7.05 7.10
N ARG A 30 -10.85 7.34 6.00
CA ARG A 30 -12.29 7.30 5.97
C ARG A 30 -12.78 5.92 5.53
N ALA A 31 -11.96 5.21 4.76
CA ALA A 31 -12.29 3.87 4.29
C ALA A 31 -11.16 2.89 4.55
N VAL A 32 -11.50 1.78 5.19
CA VAL A 32 -10.59 0.69 5.44
C VAL A 32 -11.29 -0.59 5.04
N PHE A 33 -10.78 -1.31 4.05
CA PHE A 33 -11.42 -2.51 3.58
C PHE A 33 -10.38 -3.51 3.07
N PRO A 34 -10.76 -4.80 2.95
CA PRO A 34 -9.75 -5.76 2.48
C PRO A 34 -9.27 -5.58 1.02
N SER A 35 -7.98 -5.75 0.86
CA SER A 35 -7.34 -5.59 -0.40
C SER A 35 -7.47 -6.86 -1.24
N ILE A 36 -8.70 -7.17 -1.63
CA ILE A 36 -8.96 -8.42 -2.32
C ILE A 36 -9.86 -8.24 -3.52
N VAL A 37 -9.64 -9.15 -4.46
CA VAL A 37 -10.53 -9.32 -5.62
C VAL A 37 -11.06 -10.75 -5.61
N GLY A 38 -12.37 -10.91 -5.69
CA GLY A 38 -12.98 -12.23 -5.71
C GLY A 38 -13.61 -12.58 -7.06
N ARG A 39 -13.32 -13.79 -7.52
CA ARG A 39 -13.84 -14.30 -8.77
C ARG A 39 -14.58 -15.62 -8.56
N PRO A 40 -15.53 -15.94 -9.43
CA PRO A 40 -16.34 -17.15 -9.18
C PRO A 40 -15.51 -18.42 -9.25
N ARG A 41 -15.87 -19.43 -8.48
CA ARG A 41 -15.28 -20.72 -8.68
C ARG A 41 -16.00 -21.37 -9.86
N HIS A 42 -15.29 -22.25 -10.55
CA HIS A 42 -15.85 -22.92 -11.70
C HIS A 42 -16.84 -24.02 -11.30
N GLN A 43 -17.70 -23.77 -10.33
CA GLN A 43 -18.62 -24.80 -9.83
C GLN A 43 -20.02 -24.48 -10.33
N GLY A 44 -20.10 -24.24 -11.64
CA GLY A 44 -21.35 -23.85 -12.27
C GLY A 44 -21.38 -22.36 -12.50
N VAL A 45 -22.32 -21.92 -13.34
CA VAL A 45 -22.48 -20.50 -13.64
C VAL A 45 -23.22 -19.77 -12.48
N MET A 46 -22.57 -18.75 -11.90
CA MET A 46 -23.20 -17.96 -10.84
C MET A 46 -24.05 -16.87 -11.45
N VAL A 47 -25.22 -17.26 -11.99
CA VAL A 47 -26.16 -16.29 -12.58
C VAL A 47 -26.37 -15.09 -11.67
N GLY A 48 -26.20 -15.29 -10.37
CA GLY A 48 -26.36 -14.22 -9.40
C GLY A 48 -25.41 -13.04 -9.57
N MET A 49 -24.28 -13.25 -10.25
CA MET A 49 -23.29 -12.19 -10.43
C MET A 49 -23.73 -11.11 -11.42
N GLY A 50 -24.70 -11.43 -12.27
CA GLY A 50 -25.12 -10.48 -13.31
C GLY A 50 -24.00 -10.26 -14.31
N GLN A 51 -23.79 -9.00 -14.70
CA GLN A 51 -22.76 -8.69 -15.70
C GLN A 51 -21.37 -8.52 -15.10
N LYS A 52 -21.24 -8.65 -13.79
CA LYS A 52 -19.97 -8.42 -13.10
C LYS A 52 -18.98 -9.55 -13.36
N ASP A 53 -17.70 -9.22 -13.48
CA ASP A 53 -16.65 -10.23 -13.66
C ASP A 53 -15.98 -10.57 -12.33
N SER A 54 -16.09 -9.68 -11.34
CA SER A 54 -15.53 -9.93 -10.03
C SER A 54 -16.17 -9.06 -8.97
N TYR A 55 -15.80 -9.33 -7.72
CA TYR A 55 -16.18 -8.50 -6.60
C TYR A 55 -14.93 -7.98 -5.93
N VAL A 56 -15.03 -6.81 -5.28
CA VAL A 56 -13.87 -6.20 -4.67
C VAL A 56 -14.16 -5.80 -3.23
N GLY A 57 -13.13 -5.92 -2.41
CA GLY A 57 -13.21 -5.44 -1.04
C GLY A 57 -14.25 -6.14 -0.18
N ASP A 58 -15.02 -5.34 0.58
CA ASP A 58 -15.97 -5.89 1.55
C ASP A 58 -16.94 -6.87 0.91
N GLU A 59 -17.42 -6.53 -0.28
CA GLU A 59 -18.39 -7.35 -0.96
C GLU A 59 -17.82 -8.71 -1.35
N ALA A 60 -16.56 -8.74 -1.80
CA ALA A 60 -15.91 -10.01 -2.07
C ALA A 60 -15.72 -10.81 -0.78
N GLN A 61 -15.58 -10.11 0.35
CA GLN A 61 -15.37 -10.78 1.62
C GLN A 61 -16.63 -11.49 2.06
N SER A 62 -17.76 -10.84 1.87
CA SER A 62 -19.06 -11.45 2.18
C SER A 62 -19.28 -12.79 1.49
N LYS A 63 -18.70 -12.96 0.32
CA LYS A 63 -18.93 -14.15 -0.50
C LYS A 63 -17.69 -15.02 -0.54
N ARG A 64 -16.80 -14.86 0.43
CA ARG A 64 -15.55 -15.61 0.48
C ARG A 64 -15.73 -17.13 0.40
N GLY A 65 -16.96 -17.61 0.66
CA GLY A 65 -17.27 -19.03 0.54
C GLY A 65 -17.64 -19.43 -0.88
N ILE A 66 -18.01 -18.44 -1.69
CA ILE A 66 -18.50 -18.65 -3.05
C ILE A 66 -17.41 -18.34 -4.09
N LEU A 67 -16.42 -17.56 -3.67
CA LEU A 67 -15.43 -16.97 -4.55
C LEU A 67 -14.06 -17.46 -4.22
N THR A 68 -13.15 -17.39 -5.18
CA THR A 68 -11.74 -17.57 -4.90
C THR A 68 -11.14 -16.16 -4.78
N LEU A 69 -10.50 -15.88 -3.66
CA LEU A 69 -9.98 -14.53 -3.40
C LEU A 69 -8.53 -14.38 -3.80
N LYS A 70 -8.21 -13.31 -4.53
CA LYS A 70 -6.81 -13.00 -4.83
C LYS A 70 -6.36 -11.65 -4.27
N TYR A 71 -5.10 -11.60 -3.82
CA TYR A 71 -4.52 -10.44 -3.16
C TYR A 71 -3.49 -9.82 -4.09
N PRO A 72 -3.83 -8.67 -4.69
CA PRO A 72 -2.88 -8.11 -5.65
C PRO A 72 -1.56 -7.60 -5.03
N ILE A 73 -1.49 -7.45 -3.71
CA ILE A 73 -0.26 -7.10 -3.02
C ILE A 73 0.24 -8.26 -2.18
N GLU A 74 1.48 -8.69 -2.39
CA GLU A 74 2.04 -9.83 -1.66
C GLU A 74 3.26 -9.38 -0.88
N HIC A 75 3.22 -9.53 0.43
CA HIC A 75 4.37 -9.18 1.23
C HIC A 75 4.71 -7.69 1.02
O HIC A 75 5.83 -7.28 0.86
CB HIC A 75 5.64 -10.02 0.96
CG HIC A 75 5.32 -11.45 1.14
ND1 HIC A 75 4.83 -11.98 2.34
CD2 HIC A 75 5.41 -12.49 0.20
CE1 HIC A 75 4.64 -13.29 2.15
NE2 HIC A 75 4.99 -13.65 0.84
CZ HIC A 75 4.91 -14.97 0.31
H HIC A 75 2.49 -9.92 0.98
HA HIC A 75 4.07 -9.32 2.32
HB2 HIC A 75 6.44 -9.71 1.68
HB3 HIC A 75 6.01 -9.84 -0.09
HD2 HIC A 75 5.74 -12.48 -0.85
HE1 HIC A 75 4.28 -14.01 2.88
HZ1 HIC A 75 5.73 -15.61 0.71
HZ2 HIC A 75 5.00 -14.92 -0.82
HZ3 HIC A 75 3.92 -15.43 0.58
N GLY A 76 3.66 -6.87 0.88
CA GLY A 76 3.80 -5.43 0.71
C GLY A 76 4.10 -4.94 -0.70
N ILE A 77 4.35 -5.85 -1.63
CA ILE A 77 4.74 -5.51 -3.02
C ILE A 77 3.56 -5.74 -3.94
N ILE A 78 3.26 -4.79 -4.83
CA ILE A 78 2.21 -5.02 -5.83
C ILE A 78 2.69 -6.02 -6.88
N THR A 79 1.97 -7.13 -7.07
CA THR A 79 2.41 -8.14 -8.05
C THR A 79 1.34 -8.48 -9.08
N ASN A 80 0.16 -7.93 -8.87
CA ASN A 80 -0.94 -8.08 -9.83
C ASN A 80 -1.49 -6.71 -10.17
N TRP A 81 -0.99 -6.17 -11.28
CA TRP A 81 -1.29 -4.79 -11.63
C TRP A 81 -2.73 -4.61 -12.10
N ASP A 82 -3.28 -5.60 -12.81
CA ASP A 82 -4.67 -5.48 -13.22
C ASP A 82 -5.64 -5.48 -12.02
N ASP A 83 -5.50 -6.43 -11.10
CA ASP A 83 -6.33 -6.43 -9.90
C ASP A 83 -6.04 -5.23 -9.00
N MET A 84 -4.83 -4.69 -9.05
CA MET A 84 -4.55 -3.50 -8.26
C MET A 84 -5.33 -2.31 -8.87
N GLU A 85 -5.47 -2.29 -10.19
CA GLU A 85 -6.34 -1.28 -10.82
C GLU A 85 -7.75 -1.40 -10.28
N LYS A 86 -8.21 -2.61 -10.01
CA LYS A 86 -9.57 -2.77 -9.52
C LYS A 86 -9.71 -2.19 -8.13
N ILE A 87 -8.75 -2.49 -7.27
CA ILE A 87 -8.73 -1.95 -5.89
C ILE A 87 -8.77 -0.43 -5.91
N TRP A 88 -7.96 0.15 -6.78
CA TRP A 88 -7.85 1.62 -6.83
C TRP A 88 -9.12 2.28 -7.38
N HIS A 89 -9.70 1.68 -8.45
CA HIS A 89 -10.99 2.13 -8.97
C HIS A 89 -12.10 2.05 -7.89
N HIS A 90 -12.18 0.91 -7.23
CA HIS A 90 -13.13 0.73 -6.15
C HIS A 90 -12.90 1.73 -4.97
N THR A 91 -11.65 2.01 -4.67
CA THR A 91 -11.33 2.97 -3.64
C THR A 91 -11.83 4.37 -4.00
N PHE A 92 -11.48 4.84 -5.21
CA PHE A 92 -11.93 6.15 -5.68
C PHE A 92 -13.44 6.24 -5.79
N TYR A 93 -14.01 5.33 -6.58
CA TYR A 93 -15.40 5.52 -7.02
C TYR A 93 -16.46 5.00 -6.02
N ASN A 94 -16.19 3.92 -5.32
CA ASN A 94 -17.18 3.35 -4.38
C ASN A 94 -16.95 3.67 -2.92
N GLU A 95 -15.70 3.76 -2.48
CA GLU A 95 -15.44 3.98 -1.07
C GLU A 95 -15.34 5.45 -0.72
N LEU A 96 -14.56 6.20 -1.48
CA LEU A 96 -14.41 7.63 -1.25
C LEU A 96 -15.40 8.48 -2.07
N ARG A 97 -15.99 7.90 -3.12
CA ARG A 97 -16.94 8.57 -3.98
C ARG A 97 -16.36 9.83 -4.60
N VAL A 98 -15.19 9.72 -5.25
CA VAL A 98 -14.57 10.90 -5.85
C VAL A 98 -14.21 10.53 -7.26
N ALA A 99 -14.07 11.57 -8.09
CA ALA A 99 -13.52 11.42 -9.42
C ALA A 99 -12.01 11.67 -9.33
N PRO A 100 -11.18 10.63 -9.52
CA PRO A 100 -9.75 10.78 -9.24
C PRO A 100 -9.10 11.87 -10.08
N GLU A 101 -9.66 12.19 -11.24
CA GLU A 101 -9.03 13.26 -12.04
C GLU A 101 -9.21 14.67 -11.47
N GLU A 102 -9.94 14.81 -10.36
CA GLU A 102 -10.06 16.09 -9.66
C GLU A 102 -9.20 16.23 -8.43
N HIS A 103 -8.44 15.20 -8.05
CA HIS A 103 -7.73 15.21 -6.77
C HIS A 103 -6.29 14.73 -6.86
N PRO A 104 -5.34 15.55 -6.37
CA PRO A 104 -3.96 15.05 -6.19
C PRO A 104 -3.98 13.80 -5.32
N THR A 105 -3.20 12.79 -5.70
CA THR A 105 -3.24 11.55 -4.94
C THR A 105 -1.90 11.07 -4.43
N LEU A 106 -1.85 10.85 -3.12
CA LEU A 106 -0.64 10.33 -2.49
CA LEU A 106 -0.63 10.33 -2.51
C LEU A 106 -0.80 8.86 -2.21
N LEU A 107 0.15 8.08 -2.70
CA LEU A 107 0.24 6.63 -2.57
C LEU A 107 1.40 6.27 -1.65
N THR A 108 1.35 5.10 -1.04
CA THR A 108 2.45 4.64 -0.24
C THR A 108 3.08 3.42 -0.93
N GLU A 109 4.35 3.16 -0.59
CA GLU A 109 5.06 1.99 -1.08
C GLU A 109 5.84 1.35 0.09
N ALA A 110 6.15 0.07 -0.09
CA ALA A 110 7.00 -0.64 0.82
C ALA A 110 8.45 -0.19 0.70
N PRO A 111 9.22 -0.40 1.77
CA PRO A 111 10.68 -0.32 1.75
C PRO A 111 11.23 -1.20 0.66
N LEU A 112 12.32 -0.78 0.04
CA LEU A 112 12.96 -1.61 -0.95
C LEU A 112 12.04 -1.98 -2.13
N ASN A 113 11.00 -1.18 -2.37
CA ASN A 113 10.15 -1.36 -3.54
C ASN A 113 10.97 -1.33 -4.82
N PRO A 114 10.92 -2.38 -5.65
CA PRO A 114 11.67 -2.33 -6.91
C PRO A 114 11.38 -1.07 -7.75
N LYS A 115 12.39 -0.60 -8.51
CA LYS A 115 12.20 0.63 -9.27
C LYS A 115 11.11 0.57 -10.36
N ALA A 116 10.95 -0.56 -11.04
CA ALA A 116 9.93 -0.67 -12.08
C ALA A 116 8.55 -0.52 -11.47
N ASN A 117 8.38 -0.90 -10.20
CA ASN A 117 7.06 -0.86 -9.58
C ASN A 117 6.62 0.56 -9.36
N ARG A 118 7.57 1.40 -8.97
CA ARG A 118 7.31 2.81 -8.71
C ARG A 118 6.86 3.47 -9.99
N GLU A 119 7.54 3.16 -11.09
CA GLU A 119 7.18 3.71 -12.37
C GLU A 119 5.79 3.26 -12.81
N LYS A 120 5.56 1.97 -12.70
CA LYS A 120 4.26 1.39 -13.03
C LYS A 120 3.11 2.06 -12.24
N MET A 121 3.34 2.32 -10.97
CA MET A 121 2.34 2.97 -10.14
CA MET A 121 2.33 2.98 -10.13
C MET A 121 2.06 4.40 -10.65
N THR A 122 3.14 5.07 -11.05
CA THR A 122 3.07 6.42 -11.57
C THR A 122 2.29 6.38 -12.88
N GLN A 123 2.65 5.45 -13.74
CA GLN A 123 2.04 5.33 -15.05
C GLN A 123 0.53 5.06 -14.98
N ILE A 124 0.14 4.16 -14.10
CA ILE A 124 -1.26 3.80 -13.96
C ILE A 124 -2.09 4.97 -13.40
N MET A 125 -1.51 5.75 -12.49
CA MET A 125 -2.28 6.85 -11.90
C MET A 125 -2.55 7.92 -12.95
N PHE A 126 -1.56 8.16 -13.82
CA PHE A 126 -1.73 9.15 -14.85
C PHE A 126 -2.47 8.63 -16.09
N GLU A 127 -2.16 7.42 -16.56
CA GLU A 127 -2.75 6.96 -17.82
C GLU A 127 -4.15 6.41 -17.61
N THR A 128 -4.38 5.70 -16.52
CA THR A 128 -5.66 5.05 -16.27
C THR A 128 -6.59 5.94 -15.49
N PHE A 129 -6.09 6.62 -14.46
CA PHE A 129 -6.95 7.41 -13.60
C PHE A 129 -6.87 8.90 -13.87
N ASN A 130 -5.92 9.30 -14.71
CA ASN A 130 -5.79 10.70 -15.05
C ASN A 130 -5.83 11.61 -13.83
N VAL A 131 -5.04 11.29 -12.80
CA VAL A 131 -4.97 12.19 -11.67
C VAL A 131 -4.19 13.43 -12.12
N PRO A 132 -4.49 14.60 -11.52
CA PRO A 132 -3.79 15.86 -11.87
C PRO A 132 -2.36 15.90 -11.33
N ALA A 133 -2.13 15.16 -10.27
CA ALA A 133 -0.81 15.08 -9.69
C ALA A 133 -0.74 13.88 -8.76
N MET A 134 0.45 13.31 -8.55
CA MET A 134 0.60 12.29 -7.55
C MET A 134 1.96 12.27 -6.89
N TYR A 135 2.07 11.41 -5.88
CA TYR A 135 3.30 11.27 -5.10
C TYR A 135 3.29 9.91 -4.45
N VAL A 136 4.46 9.31 -4.34
CA VAL A 136 4.64 8.05 -3.65
C VAL A 136 5.63 8.22 -2.49
N ALA A 137 5.21 7.80 -1.29
CA ALA A 137 6.04 7.88 -0.08
C ALA A 137 6.25 6.52 0.58
N ILE A 138 7.41 6.34 1.23
CA ILE A 138 7.71 5.10 1.93
C ILE A 138 6.90 5.02 3.24
N GLN A 139 6.17 3.91 3.37
CA GLN A 139 5.33 3.62 4.51
C GLN A 139 6.00 3.84 5.86
N ALA A 140 7.12 3.15 6.11
CA ALA A 140 7.79 3.22 7.41
C ALA A 140 8.20 4.66 7.77
N VAL A 141 8.70 5.40 6.79
CA VAL A 141 9.03 6.81 6.95
C VAL A 141 7.84 7.68 7.36
N LEU A 142 6.70 7.49 6.72
CA LEU A 142 5.47 8.17 7.11
C LEU A 142 5.10 7.86 8.54
N SER A 143 5.16 6.59 8.93
CA SER A 143 4.96 6.26 10.34
C SER A 143 5.96 7.01 11.24
N LEU A 144 7.24 7.04 10.86
CA LEU A 144 8.17 7.73 11.74
C LEU A 144 7.71 9.20 11.83
N TYR A 145 7.35 9.83 10.72
CA TYR A 145 6.91 11.24 10.76
C TYR A 145 5.63 11.42 11.62
N ALA A 146 4.69 10.47 11.56
CA ALA A 146 3.44 10.58 12.36
C ALA A 146 3.72 10.53 13.84
N SER A 147 4.82 9.87 14.21
CA SER A 147 5.25 9.83 15.60
C SER A 147 6.10 11.01 16.02
N GLY A 148 6.25 12.00 15.17
CA GLY A 148 6.94 13.23 15.54
C GLY A 148 8.46 13.14 15.56
N ARG A 149 9.05 12.30 14.70
CA ARG A 149 10.48 12.02 14.71
C ARG A 149 11.08 12.07 13.32
N THR A 150 12.34 12.50 13.18
CA THR A 150 13.05 12.33 11.91
C THR A 150 14.11 11.20 11.99
N THR A 151 14.35 10.66 13.20
CA THR A 151 15.35 9.61 13.37
C THR A 151 14.81 8.53 14.26
N GLY A 152 14.94 7.29 13.84
CA GLY A 152 14.38 6.19 14.59
C GLY A 152 14.43 4.94 13.75
N ILE A 153 14.08 3.82 14.39
CA ILE A 153 13.96 2.57 13.65
C ILE A 153 12.54 2.08 13.81
N VAL A 154 11.89 1.90 12.67
CA VAL A 154 10.48 1.47 12.65
C VAL A 154 10.40 -0.02 12.55
N LEU A 155 9.56 -0.64 13.37
CA LEU A 155 9.17 -2.00 13.13
C LEU A 155 7.76 -1.91 12.51
N ASP A 156 7.58 -2.20 11.22
CA ASP A 156 6.24 -2.13 10.53
C ASP A 156 5.84 -3.58 10.30
N SER A 157 4.77 -4.02 10.94
CA SER A 157 4.26 -5.36 10.74
C SER A 157 2.77 -5.29 10.46
N GLY A 158 2.36 -5.80 9.28
CA GLY A 158 0.98 -5.77 8.86
C GLY A 158 0.36 -7.15 8.73
N ASP A 159 -0.26 -7.39 7.58
CA ASP A 159 -0.87 -8.67 7.30
C ASP A 159 0.07 -9.60 6.51
N GLY A 160 0.88 -9.03 5.60
CA GLY A 160 1.74 -9.81 4.74
C GLY A 160 3.22 -9.80 5.09
N VAL A 161 3.74 -8.67 5.61
CA VAL A 161 5.16 -8.52 5.75
C VAL A 161 5.56 -7.69 7.00
N THR A 162 6.75 -7.97 7.51
CA THR A 162 7.35 -7.23 8.64
C THR A 162 8.67 -6.64 8.14
N HIS A 163 8.87 -5.35 8.37
CA HIS A 163 10.16 -4.71 8.08
C HIS A 163 10.73 -4.05 9.31
N ASN A 164 12.05 -4.10 9.44
CA ASN A 164 12.77 -3.13 10.27
C ASN A 164 13.40 -2.11 9.37
N VAL A 165 13.10 -0.84 9.63
CA VAL A 165 13.49 0.26 8.75
C VAL A 165 14.18 1.34 9.54
N PRO A 166 15.51 1.36 9.54
CA PRO A 166 16.19 2.43 10.26
C PRO A 166 16.21 3.69 9.41
N ILE A 167 16.02 4.81 10.07
CA ILE A 167 15.78 6.06 9.38
C ILE A 167 16.56 7.13 10.12
N TYR A 168 17.26 7.96 9.37
CA TYR A 168 18.10 8.98 9.94
C TYR A 168 17.86 10.32 9.23
N GLU A 169 17.55 11.33 10.02
CA GLU A 169 17.37 12.70 9.56
C GLU A 169 16.42 12.74 8.38
N GLY A 170 15.36 11.93 8.42
CA GLY A 170 14.31 11.99 7.41
C GLY A 170 14.27 10.84 6.42
N TYR A 171 15.37 10.08 6.31
CA TYR A 171 15.55 9.10 5.23
C TYR A 171 15.93 7.71 5.71
N ALA A 172 15.32 6.72 5.09
CA ALA A 172 15.63 5.32 5.35
C ALA A 172 17.06 5.00 4.94
N LEU A 173 17.66 4.02 5.62
CA LEU A 173 19.02 3.59 5.30
C LEU A 173 18.87 2.23 4.68
N PRO A 174 18.77 2.18 3.35
CA PRO A 174 18.29 0.95 2.68
C PRO A 174 19.19 -0.28 2.89
N HIS A 175 20.48 -0.09 3.10
CA HIS A 175 21.38 -1.23 3.25
C HIS A 175 21.03 -1.96 4.56
N ALA A 176 20.47 -1.23 5.54
CA ALA A 176 20.12 -1.81 6.85
C ALA A 176 18.67 -2.30 6.96
N ILE A 177 17.86 -2.08 5.92
CA ILE A 177 16.47 -2.54 5.99
C ILE A 177 16.41 -4.07 5.98
N MET A 178 15.61 -4.65 6.88
CA MET A 178 15.34 -6.08 6.79
CA MET A 178 15.33 -6.08 6.93
C MET A 178 13.86 -6.38 6.63
N ARG A 179 13.60 -7.45 5.87
CA ARG A 179 12.27 -7.89 5.46
C ARG A 179 12.07 -9.30 5.96
N LEU A 180 11.03 -9.46 6.76
CA LEU A 180 10.65 -10.75 7.30
C LEU A 180 9.24 -11.13 6.82
N ASP A 181 9.12 -12.19 6.03
CA ASP A 181 7.85 -12.60 5.43
C ASP A 181 7.04 -13.36 6.44
N LEU A 182 6.63 -12.63 7.48
CA LEU A 182 5.98 -13.20 8.65
C LEU A 182 5.22 -12.09 9.28
N ALA A 183 3.90 -12.27 9.30
CA ALA A 183 3.01 -11.20 9.69
C ALA A 183 1.62 -11.75 10.04
N GLY A 184 0.63 -10.88 10.06
CA GLY A 184 -0.62 -11.20 10.73
C GLY A 184 -1.41 -12.32 10.09
N ARG A 185 -1.31 -12.48 8.79
CA ARG A 185 -2.00 -13.58 8.12
C ARG A 185 -1.37 -14.89 8.58
N ASP A 186 -0.05 -14.94 8.72
CA ASP A 186 0.59 -16.17 9.20
C ASP A 186 0.17 -16.50 10.63
N LEU A 187 -0.05 -15.45 11.40
CA LEU A 187 -0.44 -15.58 12.80
C LEU A 187 -1.87 -16.08 12.90
N THR A 188 -2.74 -15.54 12.06
CA THR A 188 -4.11 -16.02 11.96
C THR A 188 -4.12 -17.49 11.58
N ASP A 189 -3.39 -17.84 10.53
CA ASP A 189 -3.29 -19.25 10.13
C ASP A 189 -2.72 -20.12 11.25
N TYR A 190 -1.82 -19.60 12.08
CA TYR A 190 -1.21 -20.43 13.11
C TYR A 190 -2.17 -20.63 14.26
N LEU A 191 -2.87 -19.58 14.63
CA LEU A 191 -3.89 -19.72 15.67
C LEU A 191 -4.99 -20.75 15.23
N MET A 192 -5.34 -20.76 13.95
CA MET A 192 -6.31 -21.75 13.43
C MET A 192 -5.81 -23.15 13.77
N LYS A 193 -4.50 -23.32 13.63
CA LYS A 193 -3.88 -24.62 13.83
C LYS A 193 -3.95 -25.06 15.27
N ILE A 194 -3.59 -24.19 16.19
CA ILE A 194 -3.42 -24.63 17.57
C ILE A 194 -4.77 -24.65 18.30
N LEU A 195 -5.74 -23.96 17.74
CA LEU A 195 -7.12 -24.11 18.17
C LEU A 195 -7.67 -25.49 17.74
N THR A 196 -7.29 -25.92 16.54
CA THR A 196 -7.55 -27.26 16.06
C THR A 196 -6.87 -28.35 16.91
N GLU A 197 -5.75 -28.03 17.54
CA GLU A 197 -5.09 -28.96 18.43
C GLU A 197 -5.95 -29.33 19.65
N ARG A 198 -6.84 -28.43 20.08
CA ARG A 198 -7.59 -28.67 21.32
C ARG A 198 -9.05 -28.98 21.05
N GLY A 199 -9.37 -29.31 19.82
CA GLY A 199 -10.70 -29.77 19.47
C GLY A 199 -11.69 -28.73 18.96
N TYR A 200 -11.29 -27.95 17.96
CA TYR A 200 -12.17 -27.02 17.24
C TYR A 200 -11.87 -27.06 15.74
N SER A 201 -12.90 -27.02 14.88
CA SER A 201 -12.65 -27.08 13.44
C SER A 201 -12.67 -25.70 12.75
N PHE A 202 -11.48 -25.28 12.33
CA PHE A 202 -11.26 -24.02 11.62
C PHE A 202 -10.25 -24.24 10.48
N VAL A 203 -10.70 -24.40 9.22
CA VAL A 203 -9.73 -24.63 8.13
C VAL A 203 -10.01 -23.92 6.77
N THR A 204 -10.69 -22.76 6.80
CA THR A 204 -10.59 -21.65 5.81
C THR A 204 -11.95 -20.94 5.66
N THR A 205 -11.90 -19.69 5.20
CA THR A 205 -13.05 -18.90 4.73
C THR A 205 -13.81 -18.21 5.89
N ALA A 206 -15.09 -18.54 6.11
CA ALA A 206 -15.85 -18.04 7.26
C ALA A 206 -15.15 -18.37 8.59
N GLU A 207 -14.24 -19.35 8.52
CA GLU A 207 -13.45 -19.77 9.65
C GLU A 207 -12.13 -18.98 9.77
N ARG A 208 -11.44 -18.71 8.66
CA ARG A 208 -10.21 -17.91 8.71
C ARG A 208 -10.51 -16.49 9.21
N GLU A 209 -11.64 -15.94 8.77
CA GLU A 209 -12.03 -14.58 9.17
C GLU A 209 -12.46 -14.46 10.63
N ILE A 210 -12.99 -15.54 11.19
CA ILE A 210 -13.44 -15.49 12.58
C ILE A 210 -12.28 -15.73 13.55
N VAL A 211 -11.28 -16.48 13.11
CA VAL A 211 -10.13 -16.72 13.93
C VAL A 211 -9.30 -15.43 13.96
N ARG A 212 -9.31 -14.71 12.85
CA ARG A 212 -8.71 -13.38 12.82
C ARG A 212 -9.29 -12.51 13.91
N ASP A 213 -10.60 -12.56 14.09
CA ASP A 213 -11.26 -11.74 15.10
C ASP A 213 -10.84 -12.19 16.48
N ILE A 214 -10.74 -13.51 16.66
CA ILE A 214 -10.29 -14.05 17.94
C ILE A 214 -8.89 -13.56 18.25
N LYS A 215 -8.01 -13.68 17.27
CA LYS A 215 -6.63 -13.19 17.38
C LYS A 215 -6.61 -11.70 17.82
N GLU A 216 -7.40 -10.87 17.15
CA GLU A 216 -7.37 -9.43 17.44
C GLU A 216 -7.86 -9.06 18.84
N LYS A 217 -8.76 -9.86 19.40
CA LYS A 217 -9.45 -9.48 20.60
C LYS A 217 -8.86 -10.10 21.84
N LEU A 218 -8.27 -11.28 21.69
CA LEU A 218 -7.83 -12.07 22.85
C LEU A 218 -6.33 -12.35 22.90
N CYS A 219 -5.59 -12.21 21.81
CA CYS A 219 -4.18 -12.60 21.90
C CYS A 219 -3.37 -11.49 22.55
N TYR A 220 -2.18 -11.84 23.05
CA TYR A 220 -1.28 -10.89 23.72
C TYR A 220 0.10 -11.52 23.75
N VAL A 221 1.12 -10.70 23.93
CA VAL A 221 2.49 -11.18 23.89
C VAL A 221 2.98 -11.33 25.31
N ALA A 222 3.32 -12.55 25.69
CA ALA A 222 3.84 -12.81 27.02
C ALA A 222 5.18 -12.11 27.29
N LEU A 223 5.34 -11.58 28.48
CA LEU A 223 6.63 -10.96 28.80
C LEU A 223 7.76 -12.00 28.94
N ASP A 224 7.50 -13.09 29.66
CA ASP A 224 8.38 -14.24 29.70
C ASP A 224 7.56 -15.44 29.26
N PHE A 225 7.92 -15.98 28.11
CA PHE A 225 7.10 -16.99 27.47
C PHE A 225 7.05 -18.33 28.22
N GLU A 226 8.20 -18.81 28.69
CA GLU A 226 8.23 -20.15 29.29
C GLU A 226 7.49 -20.13 30.60
N ASN A 227 7.62 -19.02 31.28
CA ASN A 227 6.88 -18.79 32.49
C ASN A 227 5.38 -18.77 32.28
N GLU A 228 4.93 -18.11 31.22
CA GLU A 228 3.50 -17.90 31.02
C GLU A 228 2.83 -19.23 30.75
N MET A 229 3.54 -20.12 30.05
CA MET A 229 3.09 -21.49 29.80
C MET A 229 2.79 -22.22 31.12
N ALA A 230 3.74 -22.20 32.06
CA ALA A 230 3.59 -22.80 33.39
C ALA A 230 2.40 -22.18 34.15
N THR A 231 2.37 -20.86 34.28
CA THR A 231 1.21 -20.17 34.86
C THR A 231 -0.13 -20.65 34.26
N ALA A 232 -0.14 -20.88 32.95
CA ALA A 232 -1.35 -21.23 32.20
C ALA A 232 -1.91 -22.58 32.61
N ALA A 233 -1.01 -23.55 32.72
CA ALA A 233 -1.33 -24.87 33.26
C ALA A 233 -2.05 -24.78 34.60
N SER A 234 -1.43 -24.11 35.57
CA SER A 234 -2.01 -24.02 36.91
C SER A 234 -3.24 -23.09 36.91
N SER A 235 -3.06 -21.80 37.14
CA SER A 235 -4.15 -20.88 37.53
C SER A 235 -5.52 -21.08 36.85
N SER A 236 -5.61 -20.76 35.55
CA SER A 236 -6.89 -20.60 34.80
C SER A 236 -7.33 -19.15 34.87
N SER A 237 -6.57 -18.36 35.63
CA SER A 237 -6.81 -16.92 35.73
C SER A 237 -6.52 -16.20 34.43
N LEU A 238 -5.96 -16.91 33.45
CA LEU A 238 -5.64 -16.29 32.17
C LEU A 238 -6.69 -16.65 31.14
N GLU A 239 -7.33 -17.79 31.30
CA GLU A 239 -8.30 -18.27 30.30
C GLU A 239 -9.43 -17.26 30.06
N LYS A 240 -9.94 -17.25 28.83
CA LYS A 240 -11.04 -16.36 28.42
C LYS A 240 -11.88 -17.08 27.39
N SER A 241 -13.13 -16.68 27.24
CA SER A 241 -14.01 -17.34 26.27
C SER A 241 -14.48 -16.37 25.20
N TYR A 242 -15.12 -16.91 24.17
CA TYR A 242 -15.41 -16.13 22.98
C TYR A 242 -16.60 -16.71 22.20
N GLU A 243 -17.61 -15.87 21.94
CA GLU A 243 -18.83 -16.36 21.30
C GLU A 243 -18.72 -16.33 19.78
N LEU A 244 -18.82 -17.51 19.18
CA LEU A 244 -18.84 -17.64 17.72
C LEU A 244 -20.10 -16.99 17.13
N PRO A 245 -20.17 -16.86 15.79
CA PRO A 245 -21.39 -16.29 15.20
C PRO A 245 -22.57 -17.29 15.21
N ASP A 246 -22.25 -18.58 15.24
CA ASP A 246 -23.25 -19.62 14.98
C ASP A 246 -24.36 -19.88 16.03
N GLY A 247 -24.35 -19.35 17.26
CA GLY A 247 -23.23 -18.75 17.97
C GLY A 247 -22.95 -19.52 19.26
N GLN A 248 -22.28 -20.64 19.07
CA GLN A 248 -21.68 -21.38 20.16
C GLN A 248 -20.54 -20.58 20.83
N VAL A 249 -20.18 -21.01 22.03
CA VAL A 249 -19.19 -20.31 22.82
C VAL A 249 -18.01 -21.23 23.10
N ILE A 250 -16.81 -20.76 22.74
CA ILE A 250 -15.58 -21.53 22.92
C ILE A 250 -14.67 -20.87 23.96
N THR A 251 -13.72 -21.65 24.45
CA THR A 251 -12.75 -21.16 25.43
C THR A 251 -11.37 -21.28 24.82
N ILE A 252 -10.46 -20.47 25.33
CA ILE A 252 -9.11 -20.38 24.81
C ILE A 252 -8.17 -19.89 25.92
N GLY A 253 -6.98 -20.48 25.99
CA GLY A 253 -6.01 -20.21 27.04
C GLY A 253 -4.62 -19.85 26.52
N ASN A 254 -3.69 -20.81 26.55
CA ASN A 254 -2.31 -20.51 26.23
C ASN A 254 -2.13 -20.16 24.75
N GLU A 255 -3.12 -20.48 23.94
CA GLU A 255 -3.11 -20.03 22.56
C GLU A 255 -3.15 -18.51 22.47
N ARG A 256 -3.58 -17.83 23.54
CA ARG A 256 -3.66 -16.39 23.51
C ARG A 256 -2.28 -15.81 23.25
N PHE A 257 -1.23 -16.38 23.86
CA PHE A 257 0.13 -15.83 23.72
C PHE A 257 1.10 -16.71 22.93
N ARG A 258 0.71 -17.95 22.62
CA ARG A 258 1.49 -18.83 21.75
C ARG A 258 1.48 -18.31 20.32
N CYS A 259 0.32 -17.79 19.93
CA CYS A 259 0.11 -17.28 18.59
C CYS A 259 1.13 -16.16 18.26
N PRO A 260 1.14 -15.06 19.05
CA PRO A 260 2.10 -14.04 18.66
C PRO A 260 3.53 -14.31 19.17
N GLU A 261 3.72 -15.39 19.91
CA GLU A 261 5.08 -15.76 20.26
C GLU A 261 5.88 -16.05 18.99
N THR A 262 5.19 -16.56 17.97
CA THR A 262 5.77 -16.75 16.65
C THR A 262 6.62 -15.58 16.14
N LEU A 263 6.22 -14.34 16.46
CA LEU A 263 6.98 -13.17 16.04
C LEU A 263 8.41 -13.20 16.60
N PHE A 264 8.54 -13.63 17.84
CA PHE A 264 9.83 -13.74 18.50
C PHE A 264 10.45 -15.12 18.23
N GLN A 265 9.62 -16.11 17.87
CA GLN A 265 10.10 -17.47 17.56
C GLN A 265 9.54 -18.01 16.26
N PRO A 266 10.08 -17.55 15.13
CA PRO A 266 9.48 -17.93 13.85
C PRO A 266 9.50 -19.42 13.57
N SER A 267 10.26 -20.17 14.37
CA SER A 267 10.31 -21.61 14.20
C SER A 267 8.95 -22.25 14.50
N PHE A 268 8.08 -21.53 15.20
CA PHE A 268 6.80 -22.07 15.59
C PHE A 268 6.03 -22.46 14.35
N ILE A 269 6.33 -21.84 13.23
CA ILE A 269 5.70 -22.16 11.97
C ILE A 269 6.73 -22.58 10.93
N GLY A 270 7.87 -23.09 11.39
CA GLY A 270 8.86 -23.67 10.49
C GLY A 270 9.66 -22.67 9.67
N MET A 271 9.78 -21.44 10.15
CA MET A 271 10.68 -20.48 9.51
C MET A 271 12.03 -20.45 10.20
N GLU A 272 13.08 -20.32 9.39
CA GLU A 272 14.43 -20.38 9.91
C GLU A 272 14.81 -19.04 10.48
N SER A 273 14.16 -17.99 10.01
CA SER A 273 14.47 -16.63 10.39
C SER A 273 14.63 -16.39 11.89
N ALA A 274 15.37 -15.34 12.24
CA ALA A 274 15.39 -14.83 13.60
C ALA A 274 14.11 -14.02 13.90
N GLY A 275 13.80 -13.88 15.19
CA GLY A 275 12.63 -13.14 15.62
C GLY A 275 12.79 -11.65 15.44
N ILE A 276 11.69 -10.93 15.53
CA ILE A 276 11.72 -9.49 15.24
C ILE A 276 12.65 -8.67 16.16
N HIS A 277 12.82 -9.12 17.40
CA HIS A 277 13.79 -8.48 18.30
C HIS A 277 15.20 -8.61 17.73
N GLU A 278 15.54 -9.80 17.23
CA GLU A 278 16.84 -10.03 16.60
C GLU A 278 17.00 -9.30 15.27
N THR A 279 15.94 -9.24 14.45
CA THR A 279 16.10 -8.50 13.20
C THR A 279 16.24 -6.99 13.50
N THR A 280 15.63 -6.52 14.59
CA THR A 280 15.74 -5.09 14.92
C THR A 280 17.22 -4.83 15.22
N TYR A 281 17.80 -5.71 16.02
CA TYR A 281 19.17 -5.58 16.47
C TYR A 281 20.14 -5.61 15.29
N ASN A 282 19.96 -6.58 14.41
CA ASN A 282 20.84 -6.74 13.26
C ASN A 282 20.73 -5.52 12.39
N SER A 283 19.51 -4.99 12.28
CA SER A 283 19.33 -3.81 11.47
C SER A 283 20.09 -2.57 12.05
N ILE A 284 19.98 -2.35 13.35
CA ILE A 284 20.73 -1.29 14.03
C ILE A 284 22.25 -1.49 13.83
N MET A 285 22.70 -2.73 13.91
CA MET A 285 24.12 -3.01 13.85
C MET A 285 24.70 -2.83 12.44
N LYS A 286 23.85 -2.77 11.42
CA LYS A 286 24.31 -2.49 10.08
C LYS A 286 24.44 -0.98 9.90
N CYS A 287 24.06 -0.18 10.89
CA CYS A 287 24.10 1.27 10.74
C CYS A 287 25.40 1.87 11.32
N ASP A 288 25.69 3.11 10.93
CA ASP A 288 26.82 3.87 11.45
C ASP A 288 26.76 3.85 12.96
N ILE A 289 27.91 3.54 13.58
CA ILE A 289 28.04 3.58 15.04
C ILE A 289 27.43 4.82 15.65
N ASP A 290 27.69 5.95 15.03
CA ASP A 290 27.29 7.22 15.62
C ASP A 290 25.79 7.47 15.58
N ILE A 291 24.99 6.66 14.88
CA ILE A 291 23.55 6.87 14.94
C ILE A 291 22.83 5.77 15.71
N ARG A 292 23.53 4.74 16.16
CA ARG A 292 22.86 3.61 16.78
C ARG A 292 22.15 3.97 18.07
N LYS A 293 22.71 4.91 18.84
CA LYS A 293 22.10 5.37 20.09
C LYS A 293 20.73 6.00 19.85
N ASP A 294 20.64 6.88 18.85
CA ASP A 294 19.36 7.43 18.43
C ASP A 294 18.38 6.35 18.00
N LEU A 295 18.82 5.39 17.19
CA LEU A 295 17.90 4.29 16.82
C LEU A 295 17.37 3.52 18.03
N TYR A 296 18.25 3.23 18.96
CA TYR A 296 17.88 2.38 20.10
C TYR A 296 16.87 3.06 20.99
N ALA A 297 16.94 4.38 20.99
CA ALA A 297 16.12 5.20 21.85
C ALA A 297 14.80 5.61 21.15
N ASN A 298 14.65 5.22 19.89
CA ASN A 298 13.43 5.57 19.10
C ASN A 298 12.99 4.42 18.24
N ASN A 299 12.66 3.32 18.89
CA ASN A 299 12.02 2.16 18.28
C ASN A 299 10.54 2.38 18.08
N VAL A 300 10.10 2.70 16.87
CA VAL A 300 8.66 3.04 16.70
C VAL A 300 7.86 1.88 16.12
N MET A 301 6.85 1.38 16.83
CA MET A 301 5.99 0.29 16.31
CA MET A 301 6.00 0.31 16.31
C MET A 301 4.93 0.81 15.34
N SER A 302 4.79 0.14 14.20
CA SER A 302 3.80 0.49 13.16
C SER A 302 3.05 -0.75 12.67
N GLY A 303 1.77 -0.60 12.33
CA GLY A 303 1.04 -1.70 11.71
C GLY A 303 0.25 -2.55 12.67
N GLY A 304 -0.73 -3.25 12.11
CA GLY A 304 -1.72 -3.96 12.88
C GLY A 304 -1.18 -5.07 13.69
N THR A 305 -0.16 -5.76 13.22
CA THR A 305 0.41 -6.86 13.99
C THR A 305 1.29 -6.36 15.17
N THR A 306 1.50 -5.05 15.27
CA THR A 306 2.19 -4.58 16.49
C THR A 306 1.18 -4.18 17.55
N MET A 307 -0.10 -4.51 17.35
CA MET A 307 -1.12 -4.13 18.31
C MET A 307 -1.29 -5.04 19.53
N TYR A 308 -0.63 -6.21 19.55
CA TYR A 308 -0.77 -7.13 20.65
C TYR A 308 -0.40 -6.42 21.93
N PRO A 309 -1.29 -6.47 22.95
CA PRO A 309 -0.84 -6.07 24.30
C PRO A 309 0.42 -6.83 24.70
N GLY A 310 1.34 -6.13 25.36
CA GLY A 310 2.52 -6.78 25.86
C GLY A 310 3.71 -6.70 24.91
N ILE A 311 3.48 -6.39 23.64
CA ILE A 311 4.57 -6.52 22.69
C ILE A 311 5.70 -5.49 22.90
N ALA A 312 5.33 -4.28 23.33
CA ALA A 312 6.34 -3.25 23.53
C ALA A 312 7.28 -3.60 24.66
N ASP A 313 6.70 -4.10 25.76
CA ASP A 313 7.48 -4.51 26.93
C ASP A 313 8.36 -5.68 26.60
N ARG A 314 7.81 -6.61 25.83
CA ARG A 314 8.56 -7.79 25.44
C ARG A 314 9.73 -7.35 24.54
N MET A 315 9.48 -6.42 23.64
CA MET A 315 10.51 -5.90 22.77
C MET A 315 11.58 -5.17 23.57
N GLN A 316 11.13 -4.39 24.55
CA GLN A 316 12.04 -3.65 25.40
C GLN A 316 12.97 -4.63 26.09
N LYS A 317 12.40 -5.68 26.65
CA LYS A 317 13.15 -6.70 27.35
C LYS A 317 14.12 -7.45 26.45
N GLU A 318 13.67 -7.88 25.25
CA GLU A 318 14.52 -8.68 24.36
C GLU A 318 15.72 -7.88 23.81
N ILE A 319 15.43 -6.65 23.42
CA ILE A 319 16.45 -5.76 22.87
C ILE A 319 17.48 -5.32 23.93
N THR A 320 17.02 -5.08 25.16
CA THR A 320 17.94 -4.85 26.25
C THR A 320 18.94 -6.01 26.37
N ALA A 321 18.47 -7.25 26.21
CA ALA A 321 19.35 -8.39 26.43
C ALA A 321 20.35 -8.49 25.29
N LEU A 322 20.04 -7.89 24.15
CA LEU A 322 20.92 -7.97 23.00
C LEU A 322 21.93 -6.81 22.96
N ALA A 323 21.52 -5.66 23.48
CA ALA A 323 22.24 -4.41 23.30
C ALA A 323 23.33 -4.20 24.36
N PRO A 324 24.34 -3.40 24.02
CA PRO A 324 25.35 -3.08 25.06
C PRO A 324 24.65 -2.64 26.34
N SER A 325 25.26 -3.04 27.44
CA SER A 325 24.66 -2.96 28.77
C SER A 325 24.26 -1.56 29.15
N THR A 326 24.94 -0.62 28.53
CA THR A 326 24.80 0.76 28.90
C THR A 326 23.95 1.58 27.91
N MET A 327 23.13 0.90 27.12
CA MET A 327 22.40 1.54 26.05
C MET A 327 21.02 1.97 26.52
N LYS A 328 20.66 3.22 26.30
CA LYS A 328 19.30 3.65 26.51
C LYS A 328 18.38 3.12 25.38
N ILE A 329 17.37 2.36 25.78
CA ILE A 329 16.44 1.72 24.87
C ILE A 329 15.02 2.12 25.19
N LYS A 330 14.27 2.42 24.13
CA LYS A 330 12.90 2.84 24.30
C LYS A 330 12.03 2.41 23.12
N ILE A 331 10.88 1.82 23.43
CA ILE A 331 9.95 1.34 22.43
C ILE A 331 8.76 2.28 22.45
N ILE A 332 8.39 2.80 21.28
CA ILE A 332 7.24 3.69 21.15
C ILE A 332 6.17 2.98 20.35
N ALA A 333 4.98 2.94 20.95
CA ALA A 333 3.86 2.14 20.49
C ALA A 333 2.62 2.99 20.55
N PRO A 334 2.41 3.86 19.57
CA PRO A 334 1.25 4.77 19.54
C PRO A 334 -0.05 4.01 19.43
N PRO A 335 -1.09 4.42 20.17
CA PRO A 335 -2.38 3.70 20.09
C PRO A 335 -3.01 3.67 18.68
N GLU A 336 -2.63 4.59 17.82
CA GLU A 336 -3.21 4.64 16.49
C GLU A 336 -2.31 3.98 15.46
N ARG A 337 -1.37 3.11 15.88
CA ARG A 337 -0.35 2.61 14.96
C ARG A 337 -0.88 1.68 13.87
N LYS A 338 -2.13 1.33 13.99
CA LYS A 338 -2.81 0.67 12.91
C LYS A 338 -2.94 1.59 11.71
N TYR A 339 -2.87 2.91 11.92
CA TYR A 339 -3.13 3.88 10.83
C TYR A 339 -2.04 4.94 10.74
N SER A 340 -0.92 4.68 11.44
CA SER A 340 0.26 5.57 11.43
C SER A 340 0.73 5.92 10.02
N VAL A 341 0.87 4.92 9.18
CA VAL A 341 1.33 5.17 7.82
C VAL A 341 0.42 6.19 7.14
N TRP A 342 -0.89 5.98 7.31
CA TRP A 342 -1.88 6.79 6.59
C TRP A 342 -1.87 8.22 7.16
N ILE A 343 -1.82 8.32 8.49
CA ILE A 343 -1.76 9.61 9.18
C ILE A 343 -0.52 10.38 8.75
N GLY A 344 0.61 9.71 8.64
CA GLY A 344 1.82 10.41 8.22
C GLY A 344 1.63 10.97 6.83
N GLY A 345 0.97 10.20 5.99
CA GLY A 345 0.69 10.66 4.63
C GLY A 345 -0.28 11.83 4.59
N SER A 346 -1.27 11.83 5.47
CA SER A 346 -2.20 12.93 5.56
C SER A 346 -1.53 14.24 5.98
N ILE A 347 -0.63 14.15 6.96
CA ILE A 347 0.11 15.32 7.40
C ILE A 347 0.98 15.86 6.26
N LEU A 348 1.82 14.98 5.70
CA LEU A 348 2.72 15.36 4.64
C LEU A 348 2.01 16.04 3.48
N ALA A 349 0.87 15.49 3.04
CA ALA A 349 0.23 16.05 1.86
C ALA A 349 -0.49 17.35 2.19
N SER A 350 -0.58 17.67 3.48
CA SER A 350 -1.21 18.91 3.91
C SER A 350 -0.22 20.08 4.04
N LEU A 351 1.07 19.78 4.10
CA LEU A 351 2.05 20.82 4.40
C LEU A 351 2.06 21.87 3.32
N SER A 352 2.31 23.13 3.73
CA SER A 352 2.35 24.20 2.75
C SER A 352 3.51 24.04 1.73
N THR A 353 4.51 23.23 2.06
CA THR A 353 5.62 22.97 1.18
C THR A 353 5.36 21.81 0.23
N PHE A 354 4.26 21.11 0.40
CA PHE A 354 4.01 19.93 -0.41
C PHE A 354 3.46 20.19 -1.82
N GLN A 355 2.84 21.35 -2.04
CA GLN A 355 2.37 21.75 -3.37
C GLN A 355 3.42 21.58 -4.45
N GLN A 356 4.66 21.93 -4.16
CA GLN A 356 5.71 21.84 -5.17
C GLN A 356 6.33 20.43 -5.27
N MET A 357 5.97 19.53 -4.37
CA MET A 357 6.48 18.18 -4.42
C MET A 357 5.71 17.18 -5.29
N TRP A 358 4.41 17.41 -5.51
CA TRP A 358 3.61 16.60 -6.41
C TRP A 358 4.29 16.42 -7.74
N ILE A 359 4.22 15.23 -8.33
CA ILE A 359 4.46 15.11 -9.77
C ILE A 359 3.17 15.56 -10.40
N THR A 360 3.24 16.53 -11.29
CA THR A 360 2.05 17.01 -11.96
C THR A 360 1.82 16.21 -13.26
N LYS A 361 0.58 16.22 -13.73
CA LYS A 361 0.27 15.63 -15.02
C LYS A 361 1.24 16.11 -16.10
N GLN A 362 1.50 17.41 -16.15
CA GLN A 362 2.39 17.99 -17.17
CA GLN A 362 2.37 17.99 -17.16
C GLN A 362 3.82 17.47 -17.10
N GLU A 363 4.35 17.33 -15.89
CA GLU A 363 5.73 16.86 -15.69
C GLU A 363 5.88 15.41 -16.08
N TYR A 364 4.84 14.60 -15.79
CA TYR A 364 4.79 13.22 -16.22
C TYR A 364 4.65 13.13 -17.73
N ASP A 365 3.81 13.99 -18.31
CA ASP A 365 3.61 13.94 -19.77
C ASP A 365 4.92 14.16 -20.53
N GLU A 366 5.77 14.99 -19.96
CA GLU A 366 7.04 15.38 -20.60
CA GLU A 366 7.00 15.38 -20.63
C GLU A 366 8.14 14.40 -20.31
N ALA A 367 8.20 13.89 -19.08
CA ALA A 367 9.29 13.00 -18.64
C ALA A 367 9.02 11.48 -18.72
N GLY A 368 7.78 11.07 -18.69
CA GLY A 368 7.48 9.66 -18.51
C GLY A 368 7.55 9.26 -17.06
N PRO A 369 7.37 7.97 -16.79
CA PRO A 369 7.16 7.54 -15.39
C PRO A 369 8.45 7.50 -14.57
N SER A 370 9.61 7.64 -15.20
CA SER A 370 10.86 7.60 -14.46
C SER A 370 11.09 8.90 -13.67
N ILE A 371 10.21 9.87 -13.89
CA ILE A 371 10.18 11.08 -13.10
C ILE A 371 10.05 10.70 -11.62
N VAL A 372 9.48 9.54 -11.32
CA VAL A 372 9.20 9.18 -9.94
C VAL A 372 10.50 8.99 -9.13
N HIS A 373 11.61 8.61 -9.77
CA HIS A 373 12.87 8.40 -9.05
C HIS A 373 13.56 9.70 -8.67
N ARG A 374 13.20 10.79 -9.35
CA ARG A 374 13.80 12.07 -9.14
C ARG A 374 12.93 12.96 -8.23
N LYS A 375 11.60 12.87 -8.32
CA LYS A 375 10.77 13.73 -7.50
C LYS A 375 10.29 13.06 -6.24
N CYS A 376 10.05 11.75 -6.28
CA CYS A 376 9.61 11.03 -5.06
C CYS A 376 10.78 10.36 -4.46
N PHE A 377 11.57 11.23 -3.85
CA PHE A 377 12.77 10.85 -3.20
C PHE A 377 13.12 11.99 -2.21
N MET B 1 13.06 15.74 -2.95
CA MET B 1 13.72 16.88 -3.57
C MET B 1 13.71 18.11 -2.66
N VAL B 2 14.31 19.20 -3.12
CA VAL B 2 14.39 20.45 -2.35
C VAL B 2 13.21 21.37 -2.68
N VAL B 3 12.68 21.99 -1.63
CA VAL B 3 11.45 22.78 -1.74
C VAL B 3 11.73 24.25 -1.37
N GLU B 4 11.00 25.18 -2.00
CA GLU B 4 11.02 26.59 -1.66
C GLU B 4 9.98 26.90 -0.58
N HIS B 5 10.13 28.04 0.08
CA HIS B 5 9.16 28.55 1.04
C HIS B 5 9.72 29.90 1.41
N PRO B 6 8.88 30.95 1.51
CA PRO B 6 9.43 32.26 1.88
C PRO B 6 10.29 32.21 3.14
N GLU B 7 9.95 31.38 4.11
CA GLU B 7 10.77 31.27 5.33
C GLU B 7 12.09 30.52 5.10
N PHE B 8 12.09 29.48 4.28
CA PHE B 8 13.34 28.84 3.91
C PHE B 8 14.35 29.85 3.36
N LEU B 9 13.91 30.71 2.45
CA LEU B 9 14.78 31.73 1.90
C LEU B 9 15.49 32.54 3.00
N LYS B 10 14.80 32.79 4.10
CA LYS B 10 15.35 33.65 5.13
C LYS B 10 16.24 32.91 6.11
N ALA B 11 16.23 31.58 6.04
CA ALA B 11 16.87 30.74 7.05
C ALA B 11 18.39 30.62 6.92
N GLY B 12 19.07 30.87 8.01
CA GLY B 12 20.46 30.47 8.10
C GLY B 12 21.28 31.37 7.21
N LYS B 13 20.74 32.53 6.88
CA LYS B 13 21.47 33.48 6.07
C LYS B 13 22.48 34.23 6.91
N GLU B 14 22.35 34.20 8.24
CA GLU B 14 23.35 34.79 9.11
C GLU B 14 23.39 34.22 10.54
N PRO B 15 24.48 34.50 11.27
CA PRO B 15 24.62 33.92 12.62
C PRO B 15 23.58 34.42 13.61
N GLY B 16 23.00 33.51 14.40
CA GLY B 16 21.91 33.88 15.27
C GLY B 16 20.88 32.78 15.44
N LEU B 17 19.70 33.18 15.88
CA LEU B 17 18.67 32.24 16.29
C LEU B 17 17.39 32.60 15.58
N GLN B 18 16.73 31.58 15.04
CA GLN B 18 15.48 31.76 14.33
C GLN B 18 14.48 30.77 14.88
N ILE B 19 13.29 31.22 15.19
CA ILE B 19 12.24 30.32 15.71
C ILE B 19 10.98 30.43 14.88
N TRP B 20 10.48 29.29 14.44
CA TRP B 20 9.19 29.22 13.77
C TRP B 20 8.24 28.34 14.56
N ARG B 21 6.94 28.65 14.47
CA ARG B 21 5.90 27.78 15.02
C ARG B 21 5.09 27.10 13.93
N VAL B 22 4.73 25.83 14.15
CA VAL B 22 3.82 25.12 13.26
C VAL B 22 2.42 25.63 13.52
N GLU B 23 1.81 26.20 12.50
CA GLU B 23 0.46 26.74 12.62
C GLU B 23 -0.32 26.22 11.45
N LYS B 24 -1.24 25.29 11.70
CA LYS B 24 -2.11 24.71 10.65
C LYS B 24 -1.33 24.36 9.39
N PHE B 25 -0.36 23.46 9.56
CA PHE B 25 0.39 22.87 8.48
C PHE B 25 1.30 23.88 7.74
N ASP B 26 1.58 25.03 8.34
CA ASP B 26 2.52 26.00 7.78
C ASP B 26 3.61 26.26 8.81
N LEU B 27 4.73 26.80 8.34
CA LEU B 27 5.85 27.17 9.21
C LEU B 27 5.85 28.67 9.34
N VAL B 28 5.46 29.18 10.50
CA VAL B 28 5.25 30.63 10.68
C VAL B 28 6.26 31.25 11.65
N PRO B 29 6.84 32.41 11.30
CA PRO B 29 7.83 32.98 12.21
C PRO B 29 7.25 33.41 13.55
N VAL B 30 8.04 33.23 14.60
CA VAL B 30 7.68 33.68 15.94
C VAL B 30 8.18 35.11 16.08
N PRO B 31 7.33 36.02 16.61
CA PRO B 31 7.83 37.40 16.79
C PRO B 31 9.03 37.42 17.71
N THR B 32 10.11 38.06 17.30
CA THR B 32 11.38 38.00 18.03
C THR B 32 11.28 38.33 19.53
N ASN B 33 10.32 39.17 19.90
CA ASN B 33 10.10 39.48 21.32
C ASN B 33 9.26 38.43 22.07
N LEU B 34 8.97 37.31 21.43
CA LEU B 34 8.34 36.18 22.11
C LEU B 34 9.26 34.96 22.16
N TYR B 35 10.51 35.15 21.70
CA TYR B 35 11.46 34.06 21.66
C TYR B 35 11.64 33.50 23.07
N GLY B 36 11.53 32.17 23.19
CA GLY B 36 11.83 31.52 24.44
C GLY B 36 10.61 31.30 25.30
N ASP B 37 9.44 31.79 24.84
CA ASP B 37 8.13 31.58 25.48
C ASP B 37 7.30 30.57 24.68
N PHE B 38 7.44 29.30 25.03
CA PHE B 38 6.89 28.22 24.23
C PHE B 38 5.53 27.80 24.75
N PHE B 39 4.55 27.84 23.83
CA PHE B 39 3.23 27.27 24.07
C PHE B 39 3.29 25.73 24.14
N THR B 40 2.83 25.18 25.26
CA THR B 40 3.03 23.76 25.50
C THR B 40 2.04 22.97 24.65
N GLY B 41 1.10 23.67 24.04
CA GLY B 41 0.14 23.04 23.16
C GLY B 41 0.60 23.05 21.71
N ASP B 42 1.81 23.53 21.46
CA ASP B 42 2.30 23.73 20.10
C ASP B 42 3.65 23.04 19.85
N ALA B 43 4.07 23.05 18.59
CA ALA B 43 5.34 22.46 18.16
C ALA B 43 6.10 23.53 17.42
N TYR B 44 7.43 23.59 17.60
CA TYR B 44 8.24 24.64 17.01
C TYR B 44 9.44 24.10 16.27
N VAL B 45 10.03 24.92 15.42
CA VAL B 45 11.25 24.60 14.69
C VAL B 45 12.25 25.72 14.99
N ILE B 46 13.42 25.37 15.52
CA ILE B 46 14.48 26.32 15.91
C ILE B 46 15.75 26.05 15.10
N LEU B 47 16.32 27.10 14.51
CA LEU B 47 17.61 26.99 13.80
C LEU B 47 18.67 27.87 14.47
N LYS B 48 19.70 27.25 15.03
CA LYS B 48 20.88 27.97 15.51
C LYS B 48 21.92 28.01 14.41
N THR B 49 22.23 29.22 13.95
CA THR B 49 23.30 29.45 12.99
C THR B 49 24.53 30.02 13.70
N VAL B 50 25.61 29.25 13.71
CA VAL B 50 26.88 29.67 14.28
C VAL B 50 27.85 29.97 13.16
N GLN B 51 28.67 31.01 13.32
CA GLN B 51 29.59 31.41 12.26
C GLN B 51 30.95 30.81 12.48
N LEU B 52 31.57 30.27 11.42
CA LEU B 52 32.96 29.83 11.52
C LEU B 52 33.89 30.32 10.40
N ARG B 53 35.19 30.18 10.68
CA ARG B 53 36.28 30.79 9.93
C ARG B 53 36.07 30.76 8.44
N ASN B 54 35.58 29.64 7.90
CA ASN B 54 35.41 29.53 6.43
C ASN B 54 34.61 30.69 5.85
N GLY B 55 33.78 31.33 6.67
CA GLY B 55 32.74 32.22 6.18
C GLY B 55 31.44 31.43 6.08
N ASN B 56 31.60 30.10 6.14
CA ASN B 56 30.46 29.19 6.24
C ASN B 56 29.89 29.05 7.64
N LEU B 57 28.60 28.84 7.62
CA LEU B 57 27.81 28.84 8.80
C LEU B 57 27.58 27.41 9.23
N GLN B 58 27.52 27.21 10.54
CA GLN B 58 27.21 25.93 11.15
C GLN B 58 25.74 25.93 11.57
N TYR B 59 25.04 24.82 11.36
CA TYR B 59 23.59 24.78 11.51
C TYR B 59 23.15 23.68 12.45
N ASP B 60 22.31 24.04 13.41
CA ASP B 60 21.70 23.07 14.30
C ASP B 60 20.20 23.28 14.34
N LEU B 61 19.47 22.24 13.91
CA LEU B 61 18.02 22.30 13.86
C LEU B 61 17.35 21.54 14.97
N HIS B 62 16.59 22.25 15.77
CA HIS B 62 15.86 21.62 16.84
C HIS B 62 14.36 21.72 16.59
N TYR B 63 13.61 20.61 16.72
CA TYR B 63 12.16 20.73 16.73
C TYR B 63 11.67 20.41 18.11
N TRP B 64 10.93 21.36 18.65
CA TRP B 64 10.53 21.30 20.02
C TRP B 64 9.05 20.91 20.11
N LEU B 65 8.76 19.84 20.84
CA LEU B 65 7.39 19.35 20.96
C LEU B 65 6.78 19.58 22.34
N GLY B 66 5.72 20.39 22.37
CA GLY B 66 5.03 20.69 23.62
C GLY B 66 4.21 19.48 24.00
N ASN B 67 3.95 19.32 25.29
CA ASN B 67 3.27 18.14 25.80
C ASN B 67 1.85 17.96 25.30
N GLU B 68 1.17 19.06 24.92
CA GLU B 68 -0.24 18.98 24.52
C GLU B 68 -0.41 19.27 23.04
N CYS B 69 0.69 19.25 22.27
CA CYS B 69 0.58 19.58 20.86
C CYS B 69 -0.02 18.38 20.12
N SER B 70 -0.81 18.69 19.11
CA SER B 70 -1.49 17.64 18.33
C SER B 70 -0.58 16.97 17.30
N GLN B 71 -0.99 15.76 16.89
CA GLN B 71 -0.18 14.91 16.06
C GLN B 71 0.21 15.57 14.74
N ASP B 72 -0.67 16.41 14.21
CA ASP B 72 -0.34 17.14 13.00
C ASP B 72 0.78 18.15 13.23
N GLU B 73 0.84 18.68 14.44
CA GLU B 73 1.85 19.69 14.73
C GLU B 73 3.24 19.05 14.92
N SER B 74 3.32 17.95 15.65
CA SER B 74 4.61 17.29 15.83
C SER B 74 5.06 16.62 14.54
N GLY B 75 4.14 16.09 13.74
CA GLY B 75 4.52 15.47 12.48
C GLY B 75 5.02 16.53 11.53
N ALA B 76 4.31 17.64 11.45
CA ALA B 76 4.75 18.70 10.58
C ALA B 76 6.10 19.28 11.01
N ALA B 77 6.29 19.48 12.33
CA ALA B 77 7.56 19.99 12.82
C ALA B 77 8.72 19.12 12.35
N ALA B 78 8.51 17.82 12.44
CA ALA B 78 9.49 16.84 12.04
C ALA B 78 9.78 16.94 10.55
N ILE B 79 8.71 16.94 9.73
CA ILE B 79 8.89 17.02 8.30
C ILE B 79 9.52 18.34 7.85
N PHE B 80 9.07 19.47 8.40
CA PHE B 80 9.67 20.76 8.08
C PHE B 80 11.16 20.81 8.46
N THR B 81 11.53 20.19 9.59
CA THR B 81 12.92 20.02 9.93
C THR B 81 13.68 19.29 8.82
N VAL B 82 13.19 18.16 8.36
CA VAL B 82 13.87 17.47 7.26
C VAL B 82 13.96 18.35 6.02
N GLN B 83 12.91 19.10 5.75
CA GLN B 83 12.91 19.91 4.53
C GLN B 83 13.87 21.05 4.60
N LEU B 84 13.93 21.66 5.76
CA LEU B 84 14.85 22.77 5.99
C LEU B 84 16.32 22.31 5.91
N ASP B 85 16.61 21.16 6.51
CA ASP B 85 17.94 20.58 6.42
C ASP B 85 18.36 20.36 4.93
N ASP B 86 17.54 19.61 4.20
CA ASP B 86 17.68 19.44 2.77
C ASP B 86 17.91 20.75 2.02
N TYR B 87 17.18 21.79 2.35
CA TYR B 87 17.31 23.05 1.64
C TYR B 87 18.69 23.63 1.90
N LEU B 88 19.18 23.35 3.10
CA LEU B 88 20.52 23.75 3.54
C LEU B 88 21.55 22.67 3.17
N ASN B 89 21.27 21.94 2.09
CA ASN B 89 22.24 21.04 1.51
C ASN B 89 22.59 19.92 2.50
N GLY B 90 21.70 19.67 3.46
CA GLY B 90 21.86 18.54 4.38
C GLY B 90 22.82 18.83 5.54
N ARG B 91 23.27 20.08 5.67
CA ARG B 91 24.38 20.43 6.60
C ARG B 91 23.94 20.67 8.05
N ALA B 92 22.65 20.84 8.27
CA ALA B 92 22.12 20.96 9.63
C ALA B 92 22.19 19.64 10.37
N VAL B 93 22.46 19.72 11.67
CA VAL B 93 22.31 18.58 12.56
C VAL B 93 20.95 18.72 13.22
N GLN B 94 20.12 17.67 13.12
CA GLN B 94 18.75 17.71 13.61
C GLN B 94 18.67 17.23 15.07
N HIS B 95 17.83 17.88 15.88
CA HIS B 95 17.60 17.51 17.27
C HIS B 95 16.12 17.48 17.61
N ARG B 96 15.63 16.36 18.13
CA ARG B 96 14.32 16.32 18.74
C ARG B 96 14.38 16.81 20.19
N GLU B 97 13.57 17.81 20.52
CA GLU B 97 13.56 18.32 21.88
C GLU B 97 12.14 18.20 22.39
N VAL B 98 11.93 17.45 23.46
CA VAL B 98 10.58 17.41 24.05
C VAL B 98 10.53 18.21 25.35
N GLN B 99 9.38 18.85 25.54
CA GLN B 99 9.10 19.56 26.79
C GLN B 99 9.57 18.75 28.01
N GLY B 100 10.38 19.35 28.88
CA GLY B 100 10.79 18.72 30.13
C GLY B 100 12.04 17.87 30.04
N PHE B 101 12.60 17.77 28.83
CA PHE B 101 13.71 16.88 28.54
C PHE B 101 14.58 17.52 27.47
N GLU B 102 14.53 18.83 27.37
CA GLU B 102 15.32 19.49 26.32
C GLU B 102 16.79 19.30 26.60
N SER B 103 17.60 19.28 25.54
CA SER B 103 19.04 19.17 25.66
C SER B 103 19.71 20.45 26.25
N ALA B 104 20.87 20.29 26.88
CA ALA B 104 21.57 21.43 27.46
C ALA B 104 21.93 22.50 26.41
N THR B 105 22.37 22.08 25.23
CA THR B 105 22.65 23.02 24.13
C THR B 105 21.46 23.90 23.79
N PHE B 106 20.30 23.29 23.63
CA PHE B 106 19.09 24.00 23.30
C PHE B 106 18.62 24.91 24.42
N LEU B 107 18.65 24.40 25.64
CA LEU B 107 18.36 25.23 26.77
C LEU B 107 19.31 26.45 26.81
N GLY B 108 20.57 26.25 26.40
CA GLY B 108 21.59 27.29 26.43
C GLY B 108 21.35 28.39 25.40
N TYR B 109 20.36 28.21 24.51
CA TYR B 109 20.11 29.23 23.49
C TYR B 109 19.39 30.42 24.08
N PHE B 110 18.83 30.22 25.27
CA PHE B 110 17.94 31.17 25.89
C PHE B 110 18.58 31.74 27.17
N LYS B 111 19.03 32.98 26.99
CA LYS B 111 19.78 33.75 27.97
C LYS B 111 19.09 33.79 29.32
N SER B 112 17.81 34.17 29.32
CA SER B 112 17.02 34.28 30.55
C SER B 112 16.41 32.94 30.99
N GLY B 113 16.74 31.87 30.27
CA GLY B 113 16.06 30.60 30.44
C GLY B 113 14.79 30.56 29.62
N LEU B 114 14.44 29.44 29.03
CA LEU B 114 13.16 29.38 28.33
C LEU B 114 12.01 29.19 29.32
N LYS B 115 10.82 29.64 28.92
CA LYS B 115 9.59 29.45 29.68
C LYS B 115 8.60 28.63 28.89
N TYR B 116 7.68 28.02 29.65
CA TYR B 116 6.49 27.33 29.15
C TYR B 116 5.28 28.15 29.46
N LYS B 117 4.32 28.22 28.55
CA LYS B 117 2.99 28.72 28.86
C LYS B 117 1.91 27.81 28.24
N LYS B 118 0.76 27.71 28.91
CA LYS B 118 -0.32 26.82 28.48
C LYS B 118 -1.01 27.29 27.19
N GLY B 119 -1.49 26.33 26.39
CA GLY B 119 -2.29 26.64 25.23
C GLY B 119 -1.55 26.59 23.92
N GLY B 120 -2.13 27.25 22.91
CA GLY B 120 -1.49 27.37 21.60
C GLY B 120 -2.50 27.47 20.46
N VAL B 121 -2.04 27.37 19.21
CA VAL B 121 -2.95 27.39 18.08
C VAL B 121 -3.57 26.02 17.89
N ALA B 122 -4.77 26.05 17.30
CA ALA B 122 -5.61 24.87 17.17
C ALA B 122 -5.05 23.92 16.08
N SER B 123 -5.30 22.63 16.24
CA SER B 123 -4.87 21.62 15.29
C SER B 123 -5.32 21.95 13.88
N GLY B 124 -4.52 21.58 12.90
CA GLY B 124 -4.93 21.78 11.51
C GLY B 124 -5.77 20.62 10.99
N PHE B 125 -5.92 19.55 11.76
CA PHE B 125 -6.69 18.41 11.30
C PHE B 125 -8.12 18.85 11.15
N GLY B 126 -8.74 18.44 10.05
CA GLY B 126 -10.11 18.80 9.73
C GLY B 126 -11.10 17.73 10.16
N TYR B 145 -25.30 -4.97 4.66
CA TYR B 145 -23.99 -5.11 4.04
C TYR B 145 -24.07 -5.90 2.71
N LYS B 146 -23.73 -7.20 2.71
CA LYS B 146 -23.68 -8.04 1.50
C LYS B 146 -23.86 -9.52 1.93
N PRO B 147 -24.41 -10.41 1.06
CA PRO B 147 -24.54 -11.82 1.45
C PRO B 147 -24.04 -12.85 0.41
N VAL B 148 -24.83 -12.99 -0.67
CA VAL B 148 -24.63 -13.92 -1.77
C VAL B 148 -25.06 -13.11 -3.02
N PRO B 149 -24.49 -13.39 -4.22
CA PRO B 149 -24.74 -12.45 -5.33
C PRO B 149 -26.20 -11.98 -5.52
N ASP B 150 -26.37 -10.69 -5.20
CA ASP B 150 -27.66 -10.02 -5.12
C ASP B 150 -28.03 -9.30 -6.41
N GLU B 151 -27.32 -9.63 -7.49
CA GLU B 151 -27.52 -8.97 -8.77
C GLU B 151 -28.61 -9.72 -9.54
N GLU B 152 -29.45 -8.98 -10.26
CA GLU B 152 -30.36 -9.60 -11.22
C GLU B 152 -29.49 -10.23 -12.30
N PRO B 153 -29.88 -11.42 -12.82
CA PRO B 153 -28.96 -12.07 -13.77
C PRO B 153 -28.71 -11.25 -15.04
N ASN B 154 -27.70 -11.65 -15.79
CA ASN B 154 -27.38 -11.01 -17.05
C ASN B 154 -28.55 -11.25 -18.00
N SER B 155 -29.26 -10.17 -18.32
CA SER B 155 -30.47 -10.23 -19.12
C SER B 155 -30.16 -10.16 -20.61
N THR B 156 -28.86 -10.12 -20.95
CA THR B 156 -28.47 -10.05 -22.36
C THR B 156 -29.07 -11.20 -23.14
N ASP B 157 -29.67 -10.89 -24.29
CA ASP B 157 -30.27 -11.91 -25.12
C ASP B 157 -29.29 -12.44 -26.16
N VAL B 158 -28.87 -13.69 -25.93
CA VAL B 158 -27.78 -14.29 -26.66
C VAL B 158 -28.04 -14.39 -28.16
N GLU B 159 -29.21 -14.93 -28.52
CA GLU B 159 -29.63 -15.08 -29.90
C GLU B 159 -29.73 -13.76 -30.62
N GLU B 160 -30.49 -12.82 -30.07
CA GLU B 160 -30.68 -11.46 -30.63
C GLU B 160 -29.34 -10.73 -30.84
N THR B 161 -28.47 -10.84 -29.84
CA THR B 161 -27.22 -10.14 -29.89
C THR B 161 -26.35 -10.71 -30.98
N LEU B 162 -26.33 -12.03 -31.11
CA LEU B 162 -25.52 -12.64 -32.16
C LEU B 162 -25.99 -12.16 -33.52
N GLU B 163 -27.31 -12.02 -33.66
CA GLU B 163 -27.92 -11.53 -34.89
C GLU B 163 -27.45 -10.12 -35.17
N ARG B 164 -27.42 -9.26 -34.15
CA ARG B 164 -26.92 -7.88 -34.33
C ARG B 164 -25.45 -7.80 -34.74
N ILE B 165 -24.58 -8.62 -34.16
CA ILE B 165 -23.16 -8.61 -34.55
C ILE B 165 -23.02 -9.04 -36.01
N LYS B 166 -23.82 -10.03 -36.40
CA LYS B 166 -23.88 -10.47 -37.81
C LYS B 166 -24.38 -9.38 -38.75
N ASN B 167 -25.44 -8.68 -38.32
CA ASN B 167 -26.01 -7.57 -39.09
C ASN B 167 -25.13 -6.34 -39.09
N ASN B 168 -24.01 -6.43 -38.37
CA ASN B 168 -23.10 -5.31 -38.16
C ASN B 168 -23.88 -4.09 -37.61
N ASP B 169 -24.56 -4.29 -36.50
CA ASP B 169 -25.45 -3.27 -35.97
C ASP B 169 -24.66 -2.11 -35.36
N PRO B 170 -24.84 -0.88 -35.90
CA PRO B 170 -24.12 0.30 -35.38
C PRO B 170 -24.43 0.62 -33.92
N LYS B 171 -25.60 0.24 -33.42
CA LYS B 171 -25.98 0.57 -32.05
C LYS B 171 -25.32 -0.36 -31.04
N LEU B 172 -24.58 -1.36 -31.52
CA LEU B 172 -24.02 -2.39 -30.62
C LEU B 172 -22.51 -2.24 -30.47
N GLU B 173 -22.09 -1.76 -29.30
CA GLU B 173 -20.67 -1.55 -29.05
C GLU B 173 -20.13 -2.42 -27.95
N GLU B 174 -21.00 -2.76 -27.02
CA GLU B 174 -20.67 -3.51 -25.83
C GLU B 174 -21.45 -4.80 -25.78
N VAL B 175 -20.75 -5.93 -25.72
CA VAL B 175 -21.37 -7.25 -25.60
C VAL B 175 -20.83 -7.97 -24.37
N ASN B 176 -21.69 -8.16 -23.40
CA ASN B 176 -21.32 -8.78 -22.15
C ASN B 176 -22.16 -10.04 -21.93
N LEU B 177 -21.55 -11.21 -22.06
CA LEU B 177 -22.26 -12.47 -21.91
C LEU B 177 -21.87 -13.14 -20.62
N ASN B 178 -21.30 -12.35 -19.69
CA ASN B 178 -20.88 -12.82 -18.39
C ASN B 178 -21.94 -13.58 -17.60
N ASN B 179 -21.54 -14.75 -17.07
CA ASN B 179 -22.38 -15.50 -16.14
C ASN B 179 -23.75 -15.92 -16.70
N ILE B 180 -23.82 -16.10 -18.03
CA ILE B 180 -25.04 -16.60 -18.61
C ILE B 180 -24.98 -18.12 -18.75
N ARG B 181 -26.00 -18.79 -18.23
CA ARG B 181 -26.07 -20.26 -18.23
C ARG B 181 -26.40 -20.88 -19.58
N ASN B 182 -25.73 -21.98 -19.89
CA ASN B 182 -26.03 -22.85 -21.01
C ASN B 182 -25.93 -22.22 -22.40
N ILE B 183 -24.85 -21.50 -22.68
CA ILE B 183 -24.63 -21.03 -24.04
C ILE B 183 -23.91 -22.15 -24.79
N PRO B 184 -24.51 -22.67 -25.86
CA PRO B 184 -23.76 -23.77 -26.49
C PRO B 184 -22.40 -23.30 -27.00
N ILE B 185 -21.45 -24.22 -27.00
CA ILE B 185 -20.11 -23.93 -27.48
C ILE B 185 -20.11 -23.49 -28.94
N PRO B 186 -20.95 -24.11 -29.78
CA PRO B 186 -21.10 -23.59 -31.16
C PRO B 186 -21.68 -22.18 -31.24
N THR B 187 -22.49 -21.75 -30.28
CA THR B 187 -22.99 -20.38 -30.25
C THR B 187 -21.84 -19.41 -29.91
N LEU B 188 -21.01 -19.77 -28.96
CA LEU B 188 -19.88 -18.92 -28.64
C LEU B 188 -18.90 -18.85 -29.83
N LYS B 189 -18.65 -19.98 -30.49
CA LYS B 189 -17.78 -20.03 -31.66
C LYS B 189 -18.35 -19.12 -32.75
N ALA B 190 -19.67 -19.12 -32.92
CA ALA B 190 -20.39 -18.25 -33.85
C ALA B 190 -20.20 -16.76 -33.51
N TYR B 191 -20.21 -16.44 -32.23
CA TYR B 191 -19.92 -15.07 -31.81
C TYR B 191 -18.58 -14.63 -32.35
N ALA B 192 -17.61 -15.52 -32.27
CA ALA B 192 -16.23 -15.20 -32.64
C ALA B 192 -16.13 -15.02 -34.16
N GLU B 193 -16.89 -15.84 -34.89
CA GLU B 193 -16.90 -15.77 -36.34
CA GLU B 193 -16.91 -15.76 -36.34
C GLU B 193 -17.55 -14.47 -36.82
N ALA B 194 -18.65 -14.07 -36.17
CA ALA B 194 -19.35 -12.86 -36.58
C ALA B 194 -18.51 -11.61 -36.28
N LEU B 195 -17.69 -11.70 -35.22
CA LEU B 195 -16.91 -10.54 -34.81
C LEU B 195 -15.80 -10.28 -35.82
N LYS B 196 -15.48 -11.28 -36.65
CA LYS B 196 -14.44 -11.10 -37.65
C LYS B 196 -14.72 -9.89 -38.51
N GLU B 197 -15.96 -9.72 -38.96
CA GLU B 197 -16.29 -8.64 -39.86
C GLU B 197 -17.03 -7.47 -39.20
N ASN B 198 -17.36 -7.58 -37.93
CA ASN B 198 -18.04 -6.50 -37.23
C ASN B 198 -17.18 -5.24 -36.99
N SER B 199 -17.80 -4.09 -37.29
CA SER B 199 -17.17 -2.78 -37.26
C SER B 199 -17.47 -1.92 -36.03
N TYR B 200 -18.16 -2.47 -35.04
CA TYR B 200 -18.76 -1.62 -34.02
C TYR B 200 -18.58 -2.11 -32.62
N VAL B 201 -18.34 -3.39 -32.43
CA VAL B 201 -18.17 -3.92 -31.09
C VAL B 201 -16.76 -3.65 -30.61
N LYS B 202 -16.67 -2.90 -29.51
CA LYS B 202 -15.39 -2.50 -28.89
C LYS B 202 -15.08 -3.31 -27.63
N LYS B 203 -16.11 -3.86 -27.00
CA LYS B 203 -15.94 -4.70 -25.81
C LYS B 203 -16.69 -6.00 -25.96
N PHE B 204 -16.03 -7.10 -25.60
CA PHE B 204 -16.63 -8.44 -25.65
C PHE B 204 -16.18 -9.18 -24.43
N SER B 205 -17.11 -9.68 -23.61
CA SER B 205 -16.68 -10.49 -22.50
C SER B 205 -17.61 -11.67 -22.32
N ILE B 206 -16.98 -12.77 -21.87
CA ILE B 206 -17.66 -14.04 -21.73
C ILE B 206 -17.20 -14.73 -20.47
N VAL B 207 -17.09 -13.97 -19.40
CA VAL B 207 -16.69 -14.52 -18.13
C VAL B 207 -17.65 -15.59 -17.64
N GLY B 208 -17.09 -16.69 -17.16
CA GLY B 208 -17.87 -17.67 -16.42
C GLY B 208 -19.05 -18.17 -17.24
N THR B 209 -18.79 -18.42 -18.53
CA THR B 209 -19.77 -19.03 -19.44
C THR B 209 -19.38 -20.48 -19.80
N ARG B 210 -18.41 -21.07 -19.09
CA ARG B 210 -17.91 -22.43 -19.36
C ARG B 210 -17.27 -22.59 -20.77
N SER B 211 -16.66 -21.53 -21.27
CA SER B 211 -15.94 -21.57 -22.55
C SER B 211 -14.66 -22.40 -22.49
N ASN B 212 -14.36 -23.15 -23.55
CA ASN B 212 -13.12 -23.93 -23.59
C ASN B 212 -12.27 -23.60 -24.82
N ASP B 213 -11.35 -24.49 -25.18
CA ASP B 213 -10.33 -24.18 -26.19
C ASP B 213 -10.91 -23.87 -27.59
N PRO B 214 -11.89 -24.67 -28.06
CA PRO B 214 -12.54 -24.27 -29.31
C PRO B 214 -12.99 -22.80 -29.31
N VAL B 215 -13.54 -22.31 -28.22
CA VAL B 215 -13.96 -20.91 -28.17
C VAL B 215 -12.74 -20.00 -28.34
N ALA B 216 -11.67 -20.33 -27.62
CA ALA B 216 -10.44 -19.53 -27.63
C ALA B 216 -9.74 -19.59 -29.00
N TYR B 217 -9.75 -20.75 -29.64
CA TYR B 217 -9.19 -20.91 -30.99
C TYR B 217 -9.89 -20.01 -32.01
N ALA B 218 -11.22 -20.03 -31.99
CA ALA B 218 -12.03 -19.21 -32.86
C ALA B 218 -11.77 -17.72 -32.54
N LEU B 219 -11.79 -17.36 -31.26
CA LEU B 219 -11.49 -15.98 -30.90
C LEU B 219 -10.11 -15.55 -31.41
N ALA B 220 -9.12 -16.43 -31.31
CA ALA B 220 -7.78 -16.16 -31.85
C ALA B 220 -7.80 -15.80 -33.35
N GLU B 221 -8.43 -16.66 -34.17
CA GLU B 221 -8.60 -16.35 -35.59
C GLU B 221 -9.24 -14.98 -35.77
N MET B 222 -10.25 -14.67 -34.96
CA MET B 222 -10.99 -13.43 -35.12
C MET B 222 -10.08 -12.23 -34.87
N LEU B 223 -9.18 -12.35 -33.90
CA LEU B 223 -8.35 -11.20 -33.52
C LEU B 223 -7.39 -10.85 -34.65
N LYS B 224 -7.11 -11.84 -35.49
CA LYS B 224 -6.27 -11.61 -36.67
C LYS B 224 -6.98 -10.74 -37.73
N GLU B 225 -8.30 -10.66 -37.66
CA GLU B 225 -9.10 -10.01 -38.73
C GLU B 225 -9.80 -8.76 -38.22
N ASN B 226 -10.33 -8.86 -37.01
CA ASN B 226 -11.07 -7.77 -36.43
C ASN B 226 -10.15 -6.57 -36.16
N LYS B 227 -10.64 -5.39 -36.53
CA LYS B 227 -9.86 -4.17 -36.45
C LYS B 227 -10.52 -3.17 -35.52
N VAL B 228 -11.49 -3.58 -34.75
CA VAL B 228 -12.26 -2.64 -33.93
C VAL B 228 -12.34 -3.00 -32.45
N LEU B 229 -12.32 -4.30 -32.14
CA LEU B 229 -12.47 -4.77 -30.76
C LEU B 229 -11.32 -4.21 -29.89
N LYS B 230 -11.64 -3.60 -28.75
CA LYS B 230 -10.63 -2.96 -27.88
C LYS B 230 -10.35 -3.83 -26.65
N THR B 231 -11.41 -4.48 -26.18
CA THR B 231 -11.45 -5.21 -24.92
C THR B 231 -12.03 -6.62 -25.12
N LEU B 232 -11.29 -7.61 -24.62
CA LEU B 232 -11.65 -9.02 -24.67
C LEU B 232 -11.50 -9.63 -23.30
N ASN B 233 -12.58 -10.16 -22.73
CA ASN B 233 -12.47 -10.76 -21.41
C ASN B 233 -13.00 -12.19 -21.38
N VAL B 234 -12.08 -13.14 -21.18
CA VAL B 234 -12.43 -14.53 -21.14
C VAL B 234 -12.10 -15.16 -19.81
N GLU B 235 -12.10 -14.36 -18.75
CA GLU B 235 -11.80 -14.85 -17.40
C GLU B 235 -12.75 -15.96 -16.93
N SER B 236 -12.25 -16.83 -16.07
CA SER B 236 -13.08 -17.72 -15.27
C SER B 236 -13.81 -18.77 -16.12
N ASN B 237 -13.10 -19.27 -17.13
CA ASN B 237 -13.60 -20.30 -18.00
C ASN B 237 -12.69 -21.53 -17.88
N PHE B 238 -12.77 -22.42 -18.86
CA PHE B 238 -12.00 -23.64 -18.90
C PHE B 238 -11.07 -23.65 -20.13
N ILE B 239 -10.34 -22.57 -20.32
CA ILE B 239 -9.42 -22.50 -21.44
C ILE B 239 -8.03 -22.95 -20.98
N SER B 240 -7.43 -23.90 -21.70
CA SER B 240 -6.11 -24.41 -21.31
C SER B 240 -4.99 -23.48 -21.75
N GLY B 241 -3.77 -23.80 -21.33
CA GLY B 241 -2.60 -23.05 -21.77
C GLY B 241 -2.49 -22.98 -23.30
N ALA B 242 -2.91 -24.06 -23.96
CA ALA B 242 -2.88 -24.13 -25.42
C ALA B 242 -3.86 -23.11 -26.00
N GLY B 243 -5.07 -23.08 -25.46
CA GLY B 243 -6.06 -22.06 -25.81
C GLY B 243 -5.60 -20.64 -25.56
N ILE B 244 -4.99 -20.40 -24.40
CA ILE B 244 -4.51 -19.07 -24.07
C ILE B 244 -3.35 -18.67 -25.01
N LEU B 245 -2.45 -19.62 -25.27
CA LEU B 245 -1.31 -19.40 -26.17
C LEU B 245 -1.78 -18.95 -27.55
N ARG B 246 -2.81 -19.64 -28.07
CA ARG B 246 -3.35 -19.37 -29.39
C ARG B 246 -3.90 -17.96 -29.48
N LEU B 247 -4.64 -17.56 -28.46
CA LEU B 247 -5.08 -16.17 -28.33
C LEU B 247 -3.92 -15.17 -28.45
N VAL B 248 -2.83 -15.36 -27.70
CA VAL B 248 -1.81 -14.31 -27.69
C VAL B 248 -0.98 -14.39 -28.94
N GLU B 249 -0.91 -15.58 -29.53
CA GLU B 249 -0.27 -15.75 -30.84
C GLU B 249 -0.95 -14.92 -31.94
N ALA B 250 -2.17 -14.45 -31.67
CA ALA B 250 -2.84 -13.59 -32.63
C ALA B 250 -2.39 -12.12 -32.48
N LEU B 251 -1.85 -11.78 -31.31
CA LEU B 251 -1.54 -10.38 -31.01
C LEU B 251 -0.67 -9.65 -32.02
N PRO B 252 0.38 -10.32 -32.55
CA PRO B 252 1.16 -9.57 -33.53
C PRO B 252 0.42 -9.29 -34.87
N TYR B 253 -0.72 -9.93 -35.10
CA TYR B 253 -1.54 -9.65 -36.28
C TYR B 253 -2.68 -8.68 -35.92
N ASN B 254 -2.58 -8.07 -34.73
CA ASN B 254 -3.61 -7.19 -34.18
C ASN B 254 -2.96 -5.90 -33.70
N THR B 255 -3.58 -4.78 -34.06
CA THR B 255 -3.11 -3.49 -33.61
C THR B 255 -4.25 -2.66 -33.09
N SER B 256 -5.30 -3.32 -32.59
CA SER B 256 -6.47 -2.58 -32.13
C SER B 256 -6.87 -3.01 -30.73
N LEU B 257 -6.65 -4.28 -30.37
CA LEU B 257 -7.01 -4.70 -29.03
C LEU B 257 -6.04 -4.09 -28.00
N VAL B 258 -6.57 -3.57 -26.89
CA VAL B 258 -5.75 -2.97 -25.85
C VAL B 258 -5.84 -3.71 -24.53
N GLU B 259 -6.90 -4.48 -24.33
CA GLU B 259 -7.08 -5.27 -23.09
C GLU B 259 -7.44 -6.71 -23.39
N MET B 260 -6.68 -7.61 -22.78
CA MET B 260 -7.00 -9.03 -22.76
C MET B 260 -6.98 -9.55 -21.33
N LYS B 261 -8.13 -10.01 -20.84
CA LYS B 261 -8.21 -10.49 -19.47
C LYS B 261 -8.41 -12.01 -19.52
N ILE B 262 -7.46 -12.77 -18.96
CA ILE B 262 -7.54 -14.23 -19.06
C ILE B 262 -7.46 -14.99 -17.74
N ASP B 263 -7.48 -14.27 -16.62
CA ASP B 263 -7.16 -14.89 -15.33
C ASP B 263 -8.25 -15.87 -14.88
N ASN B 264 -7.88 -16.73 -13.93
CA ASN B 264 -8.81 -17.67 -13.30
C ASN B 264 -9.43 -18.72 -14.26
N GLN B 265 -8.65 -19.22 -15.20
CA GLN B 265 -9.03 -20.41 -15.91
C GLN B 265 -9.00 -21.57 -14.92
N SER B 266 -9.72 -22.65 -15.23
CA SER B 266 -9.87 -23.78 -14.29
C SER B 266 -8.58 -24.52 -14.00
N GLN B 267 -7.60 -24.41 -14.89
CA GLN B 267 -6.30 -25.06 -14.69
C GLN B 267 -5.14 -24.09 -14.88
N PRO B 268 -4.09 -24.20 -14.05
CA PRO B 268 -2.86 -23.43 -14.28
C PRO B 268 -2.32 -23.63 -15.68
N LEU B 269 -1.77 -22.58 -16.28
CA LEU B 269 -1.36 -22.60 -17.67
C LEU B 269 -0.10 -23.42 -17.95
N GLY B 270 0.78 -23.58 -16.95
CA GLY B 270 2.02 -24.32 -17.14
C GLY B 270 3.21 -23.43 -17.48
N ASN B 271 4.34 -23.71 -16.85
CA ASN B 271 5.53 -22.85 -16.96
C ASN B 271 5.97 -22.58 -18.39
N LYS B 272 5.91 -23.61 -19.23
CA LYS B 272 6.36 -23.49 -20.59
C LYS B 272 5.50 -22.46 -21.31
N VAL B 273 4.18 -22.61 -21.17
CA VAL B 273 3.24 -21.67 -21.77
C VAL B 273 3.44 -20.22 -21.30
N GLU B 274 3.61 -19.99 -20.01
CA GLU B 274 3.89 -18.64 -19.50
C GLU B 274 5.04 -17.98 -20.27
N MET B 275 6.02 -18.78 -20.64
CA MET B 275 7.20 -18.28 -21.33
C MET B 275 6.83 -17.87 -22.76
N GLU B 276 6.09 -18.75 -23.44
CA GLU B 276 5.71 -18.52 -24.84
C GLU B 276 4.82 -17.30 -24.91
N ILE B 277 4.10 -17.06 -23.82
CA ILE B 277 3.15 -15.95 -23.74
C ILE B 277 3.85 -14.62 -23.67
N VAL B 278 4.85 -14.50 -22.78
CA VAL B 278 5.50 -13.22 -22.61
C VAL B 278 6.24 -12.92 -23.91
N SER B 279 6.80 -13.96 -24.54
CA SER B 279 7.45 -13.76 -25.83
C SER B 279 6.51 -13.09 -26.85
N MET B 280 5.24 -13.53 -26.90
CA MET B 280 4.26 -12.90 -27.77
C MET B 280 3.88 -11.47 -27.32
N LEU B 281 3.75 -11.26 -26.01
CA LEU B 281 3.47 -9.91 -25.51
C LEU B 281 4.57 -8.89 -25.94
N GLU B 282 5.83 -9.33 -25.99
CA GLU B 282 6.94 -8.53 -26.52
C GLU B 282 6.90 -8.29 -28.05
N LYS B 283 5.99 -8.96 -28.76
CA LYS B 283 5.85 -8.79 -30.21
C LYS B 283 4.54 -8.09 -30.56
N ASN B 284 4.00 -7.34 -29.60
CA ASN B 284 2.88 -6.46 -29.87
C ASN B 284 3.11 -5.18 -29.07
N ALA B 285 2.90 -4.04 -29.75
CA ALA B 285 3.11 -2.71 -29.19
C ALA B 285 1.78 -2.02 -28.85
N THR B 286 0.68 -2.74 -28.97
CA THR B 286 -0.65 -2.18 -28.86
C THR B 286 -1.34 -2.57 -27.56
N LEU B 287 -1.20 -3.83 -27.14
CA LEU B 287 -1.89 -4.28 -25.93
C LEU B 287 -1.36 -3.50 -24.74
N LEU B 288 -2.27 -2.94 -23.92
CA LEU B 288 -1.92 -2.13 -22.77
C LEU B 288 -2.19 -2.78 -21.43
N LYS B 289 -3.10 -3.76 -21.39
CA LYS B 289 -3.40 -4.51 -20.18
C LYS B 289 -3.49 -5.98 -20.53
N PHE B 290 -2.86 -6.81 -19.71
CA PHE B 290 -2.96 -8.26 -19.85
C PHE B 290 -3.31 -8.82 -18.48
N GLY B 291 -4.53 -9.31 -18.32
CA GLY B 291 -5.01 -9.74 -17.03
C GLY B 291 -4.64 -11.19 -16.83
N TYR B 292 -3.55 -11.41 -16.12
CA TYR B 292 -3.08 -12.75 -15.84
C TYR B 292 -2.02 -12.67 -14.74
N HIS B 293 -2.17 -13.48 -13.69
CA HIS B 293 -1.12 -13.52 -12.68
C HIS B 293 -0.07 -14.58 -13.03
N PHE B 294 1.08 -14.14 -13.56
CA PHE B 294 2.17 -15.08 -13.82
C PHE B 294 2.71 -15.73 -12.54
N THR B 295 2.95 -17.03 -12.64
CA THR B 295 3.59 -17.81 -11.58
C THR B 295 5.11 -17.66 -11.50
N GLN B 296 5.77 -17.74 -12.64
CA GLN B 296 7.21 -17.58 -12.69
C GLN B 296 7.54 -16.11 -12.81
N GLN B 297 8.54 -15.71 -12.02
CA GLN B 297 8.92 -14.32 -11.85
C GLN B 297 9.59 -13.75 -13.09
N GLY B 298 10.34 -14.59 -13.82
CA GLY B 298 10.93 -14.19 -15.08
C GLY B 298 9.91 -13.57 -16.03
N PRO B 299 8.95 -14.38 -16.50
CA PRO B 299 7.87 -13.81 -17.31
C PRO B 299 7.01 -12.73 -16.59
N ARG B 300 6.72 -12.90 -15.30
CA ARG B 300 5.92 -11.91 -14.58
C ARG B 300 6.46 -10.49 -14.78
N LEU B 301 7.77 -10.32 -14.60
CA LEU B 301 8.38 -9.01 -14.78
C LEU B 301 8.50 -8.61 -16.27
N ARG B 302 8.82 -9.57 -17.14
CA ARG B 302 8.83 -9.31 -18.58
C ARG B 302 7.48 -8.79 -19.04
N ALA B 303 6.40 -9.36 -18.50
CA ALA B 303 5.03 -8.97 -18.91
C ALA B 303 4.74 -7.55 -18.44
N SER B 304 5.08 -7.29 -17.17
CA SER B 304 4.84 -6.01 -16.53
C SER B 304 5.56 -4.92 -17.28
N ASN B 305 6.81 -5.22 -17.66
CA ASN B 305 7.63 -4.31 -18.46
C ASN B 305 7.10 -4.13 -19.87
N ALA B 306 6.65 -5.21 -20.52
CA ALA B 306 6.10 -5.10 -21.87
C ALA B 306 4.91 -4.16 -21.88
N MET B 307 4.02 -4.30 -20.90
CA MET B 307 2.80 -3.47 -20.82
C MET B 307 3.15 -2.02 -20.54
N MET B 308 4.12 -1.85 -19.63
CA MET B 308 4.64 -0.52 -19.30
C MET B 308 5.28 0.11 -20.55
N ASN B 309 6.02 -0.67 -21.33
CA ASN B 309 6.58 -0.20 -22.60
CA ASN B 309 6.60 -0.13 -22.55
C ASN B 309 5.50 0.27 -23.54
N ASN B 310 4.53 -0.60 -23.78
CA ASN B 310 3.43 -0.26 -24.68
C ASN B 310 2.63 0.96 -24.22
N ASN B 311 2.38 1.06 -22.93
CA ASN B 311 1.67 2.21 -22.37
C ASN B 311 2.45 3.51 -22.51
N ASP B 312 3.79 3.44 -22.52
CA ASP B 312 4.57 4.68 -22.64
C ASP B 312 4.52 5.16 -24.08
N LEU B 313 4.39 4.25 -25.03
CA LEU B 313 4.15 4.66 -26.43
C LEU B 313 2.91 5.58 -26.56
N VAL B 314 1.86 5.29 -25.80
CA VAL B 314 0.67 6.16 -25.73
C VAL B 314 1.07 7.56 -25.24
N ARG B 315 1.81 7.61 -24.14
CA ARG B 315 2.24 8.88 -23.57
C ARG B 315 3.03 9.69 -24.61
N LYS B 316 4.02 9.06 -25.25
CA LYS B 316 4.85 9.74 -26.25
C LYS B 316 4.10 10.23 -27.48
N ARG B 317 3.12 9.48 -27.98
CA ARG B 317 2.37 9.98 -29.12
C ARG B 317 1.39 11.05 -28.62
N ARG B 318 0.96 10.99 -27.36
CA ARG B 318 0.17 12.08 -26.80
C ARG B 318 0.99 13.39 -26.66
N LEU B 319 2.30 13.25 -26.47
CA LEU B 319 3.21 14.40 -26.40
C LEU B 319 3.54 14.96 -27.81
N ALA B 320 3.68 14.07 -28.77
CA ALA B 320 4.03 14.47 -30.14
C ALA B 320 2.84 15.12 -30.87
N ASP B 321 1.64 14.55 -30.71
CA ASP B 321 0.40 15.10 -31.29
C ASP B 321 0.00 16.44 -30.67
N LEU B 322 0.82 16.90 -29.72
CA LEU B 322 0.60 18.15 -29.01
C LEU B 322 1.13 19.37 -29.78
N THR B 323 1.10 19.28 -31.11
CA THR B 323 1.62 20.33 -31.99
C THR B 323 3.06 20.62 -31.56
N GLY B 324 3.95 19.68 -31.87
CA GLY B 324 5.33 19.72 -31.43
C GLY B 324 5.72 18.49 -30.62
PG ATP C . 1.35 -5.20 5.14
O1G ATP C . 1.46 -5.09 3.63
O2G ATP C . 1.82 -6.49 5.71
O3G ATP C . 1.80 -3.98 5.91
PB ATP C . -1.33 -4.21 5.76
O1B ATP C . -2.58 -4.60 5.02
O2B ATP C . -0.76 -2.86 5.52
O3B ATP C . -0.23 -5.36 5.44
PA ATP C . -2.13 -3.53 8.41
O1A ATP C . -1.00 -2.84 9.13
O2A ATP C . -3.24 -2.70 7.89
O3A ATP C . -1.53 -4.52 7.31
O5' ATP C . -2.63 -4.53 9.53
C5' ATP C . -3.57 -5.58 9.30
C4' ATP C . -3.10 -6.80 10.09
O4' ATP C . -2.98 -6.47 11.48
C3' ATP C . -4.07 -7.96 10.00
O3' ATP C . -3.36 -9.23 9.90
C2' ATP C . -4.85 -7.83 11.28
O2' ATP C . -5.49 -9.03 11.69
C1' ATP C . -3.77 -7.37 12.26
N9 ATP C . -4.39 -6.73 13.43
C8 ATP C . -5.27 -5.70 13.36
N7 ATP C . -5.67 -5.32 14.60
C5 ATP C . -5.05 -6.13 15.48
C6 ATP C . -5.07 -6.28 16.95
N6 ATP C . -5.82 -5.45 17.72
N1 ATP C . -4.30 -7.26 17.48
C2 ATP C . -3.54 -8.08 16.72
N3 ATP C . -3.48 -8.00 15.38
C4 ATP C . -4.22 -7.07 14.71
H5'1 ATP C . -4.56 -5.27 9.63
H5'2 ATP C . -3.62 -5.81 8.24
H4' ATP C . -2.13 -7.11 9.69
H3' ATP C . -4.74 -7.81 9.14
H2' ATP C . -5.59 -7.02 11.17
HO2' ATP C . -6.13 -9.30 11.02
H1' ATP C . -3.18 -8.25 12.56
H8 ATP C . -5.57 -5.22 12.44
HN61 ATP C . -6.39 -4.74 17.29
HN62 ATP C . -5.82 -5.56 18.72
H2 ATP C . -2.94 -8.84 17.21
CA CA D . 1.20 -1.73 5.45
CA CA E . 21.61 17.06 8.03
CA CA F . -1.49 23.45 19.05
#